data_7WXH
#
_entry.id   7WXH
#
_cell.length_a   1.00
_cell.length_b   1.00
_cell.length_c   1.00
_cell.angle_alpha   90.00
_cell.angle_beta   90.00
_cell.angle_gamma   90.00
#
_symmetry.space_group_name_H-M   'P 1'
#
_entity_poly.entity_id   1
_entity_poly.type   'polypeptide(L)'
_entity_poly.pdbx_seq_one_letter_code
;MLQNSFKLAQSLRNGFYRNAWRAFSSHGPRQPLVSPERRLEKAHPTFTERSQLKYARRLVVKLGSAVITREDNHGLALGR
LASIVEQVAECHLEGREVMMVTSGAVAFGKQKLAQELLMSLSMRETLNPKDSKEFDGATLEPRAAAAVGQSGLMSLYDAM
FAQYGVKIAQVLVTKPDFYNEETRNNLFCTLSELISLNIVPIINTNDAVSPPMFIRDDEPAGGARRGIPIKDNDSLSAML
AAEVQADLLILMSDVDGIYNKPPWEDGAKLMHTYTSDDSNSIEFGKKSKVGTGGMDSKVKAATWALDRGVSVVICNGMQE
KAIKTIIGGRKVGTFFTEATESANAVPVEVMAENARTGSRQMQALTPAQRASAVNTLADLLVSREKFILDANAKDLAEAQ
KSGLAKPLLSRLSLNPAKLKNLSVGLKQIAEDSHKNVGRVLRRTRLADQLELKQVTVPIGVLLVIFESRPDSLPQVAALA
MASANGLLLKGGKEAAHSNKALMELVKEALATVGAEHAVSLVSTREEISDLLSMENHIDLIIPRGSSDLVRSIQQQSLHI
PVLGHAEGVCHVYIDRDADLEKALRIARDAKCDYPAACNAMETLLIHEDLMSGAIFGDVCNMLKREGVKIYAGPRLNQQL
TFGPPAAKSLKHEYGALECCIEVVPSLDEAINHIHTYGSSHTDVIVTENDAAARQFLGSVDSACVFHNASSRFADGFRFG
LGAEVGISTARIHARGPVGVEGLLTTKWILEGQDHAAADFAEGGGRTWLHETLPLD
;
_entity_poly.pdbx_strand_id   A,B
#
# COMPACT_ATOMS: atom_id res chain seq x y z
N PRO A 347 -15.30 20.04 19.39
CA PRO A 347 -14.89 18.69 19.80
C PRO A 347 -14.00 18.03 18.77
N VAL A 348 -14.02 16.70 18.70
CA VAL A 348 -13.11 15.96 17.85
C VAL A 348 -13.85 15.02 16.91
N GLU A 349 -14.60 14.07 17.46
CA GLU A 349 -15.26 13.08 16.62
C GLU A 349 -16.22 13.72 15.64
N VAL A 350 -16.94 14.75 16.09
CA VAL A 350 -17.79 15.50 15.19
C VAL A 350 -17.00 16.00 14.00
N MET A 351 -15.78 16.46 14.24
CA MET A 351 -14.92 16.87 13.15
C MET A 351 -14.64 15.69 12.22
N ALA A 352 -14.36 14.53 12.81
CA ALA A 352 -14.05 13.36 11.99
C ALA A 352 -15.20 13.03 11.06
N GLU A 353 -16.42 13.00 11.59
CA GLU A 353 -17.54 12.57 10.78
C GLU A 353 -17.96 13.67 9.82
N ASN A 354 -17.89 14.91 10.25
CA ASN A 354 -18.10 16.03 9.33
C ASN A 354 -17.13 15.96 8.18
N ALA A 355 -15.87 15.63 8.45
CA ALA A 355 -14.89 15.51 7.38
C ALA A 355 -15.20 14.32 6.49
N ARG A 356 -15.68 13.23 7.08
CA ARG A 356 -16.11 12.11 6.26
C ARG A 356 -17.19 12.54 5.28
N THR A 357 -18.25 13.17 5.79
CA THR A 357 -19.32 13.61 4.92
C THR A 357 -18.83 14.59 3.87
N GLY A 358 -17.91 15.47 4.25
CA GLY A 358 -17.36 16.39 3.27
C GLY A 358 -16.57 15.69 2.20
N SER A 359 -15.90 14.60 2.56
CA SER A 359 -15.24 13.78 1.55
C SER A 359 -16.26 13.19 0.61
N ARG A 360 -17.35 12.65 1.17
CA ARG A 360 -18.46 12.20 0.32
C ARG A 360 -18.90 13.31 -0.63
N GLN A 361 -18.96 14.54 -0.12
CA GLN A 361 -19.47 15.65 -0.91
C GLN A 361 -18.50 16.00 -2.03
N MET A 362 -17.29 16.44 -1.66
CA MET A 362 -16.25 16.76 -2.62
C MET A 362 -15.99 15.62 -3.58
N GLN A 363 -16.38 14.40 -3.22
CA GLN A 363 -16.28 13.27 -4.13
C GLN A 363 -17.10 13.50 -5.39
N ALA A 364 -18.09 14.38 -5.33
CA ALA A 364 -18.96 14.59 -6.49
C ALA A 364 -18.71 15.93 -7.15
N LEU A 365 -17.44 16.36 -7.19
CA LEU A 365 -17.12 17.64 -7.81
C LEU A 365 -15.87 17.57 -8.68
N THR A 366 -15.65 16.47 -9.38
CA THR A 366 -14.42 16.28 -10.16
C THR A 366 -14.20 17.32 -11.25
N PRO A 367 -15.09 17.50 -12.23
CA PRO A 367 -14.68 18.26 -13.42
C PRO A 367 -14.56 19.74 -13.11
N ALA A 368 -13.32 20.21 -12.98
CA ALA A 368 -12.96 21.61 -12.82
C ALA A 368 -13.66 22.29 -11.65
N GLN A 369 -14.39 21.54 -10.82
CA GLN A 369 -15.09 22.18 -9.71
C GLN A 369 -14.18 22.41 -8.53
N ARG A 370 -13.58 21.34 -8.01
CA ARG A 370 -12.51 21.49 -7.03
C ARG A 370 -11.39 22.35 -7.57
N ALA A 371 -11.17 22.28 -8.89
CA ALA A 371 -10.15 23.13 -9.51
C ALA A 371 -10.51 24.61 -9.37
N SER A 372 -11.77 24.94 -9.65
CA SER A 372 -12.23 26.31 -9.40
C SER A 372 -12.06 26.67 -7.94
N ALA A 373 -12.34 25.73 -7.03
CA ALA A 373 -12.18 25.99 -5.61
C ALA A 373 -10.75 26.37 -5.28
N VAL A 374 -9.79 25.55 -5.72
CA VAL A 374 -8.41 25.80 -5.34
C VAL A 374 -7.85 27.03 -6.04
N ASN A 375 -8.25 27.28 -7.28
CA ASN A 375 -7.74 28.48 -7.94
C ASN A 375 -8.32 29.74 -7.29
N THR A 376 -9.57 29.68 -6.83
CA THR A 376 -10.09 30.79 -6.07
C THR A 376 -9.38 30.93 -4.73
N LEU A 377 -8.99 29.81 -4.12
CA LEU A 377 -8.18 29.86 -2.92
C LEU A 377 -6.86 30.57 -3.19
N ALA A 378 -6.23 30.26 -4.33
CA ALA A 378 -5.00 30.96 -4.68
C ALA A 378 -5.25 32.45 -4.90
N ASP A 379 -6.36 32.77 -5.55
CA ASP A 379 -6.77 34.16 -5.72
C ASP A 379 -6.79 34.88 -4.38
N LEU A 380 -7.42 34.27 -3.38
CA LEU A 380 -7.54 34.95 -2.09
C LEU A 380 -6.21 34.95 -1.34
N LEU A 381 -5.44 33.87 -1.46
CA LEU A 381 -4.13 33.82 -0.83
C LEU A 381 -3.20 34.88 -1.40
N VAL A 382 -3.40 35.30 -2.64
CA VAL A 382 -2.54 36.33 -3.20
C VAL A 382 -3.18 37.71 -3.12
N SER A 383 -4.48 37.80 -2.83
CA SER A 383 -5.18 39.07 -2.89
C SER A 383 -5.51 39.67 -1.52
N ARG A 384 -5.65 38.85 -0.49
CA ARG A 384 -6.03 39.33 0.83
C ARG A 384 -4.91 39.11 1.83
N GLU A 385 -3.67 39.23 1.37
CA GLU A 385 -2.54 38.84 2.18
C GLU A 385 -2.40 39.67 3.45
N LYS A 386 -2.95 40.88 3.47
CA LYS A 386 -2.78 41.79 4.60
C LYS A 386 -3.05 41.09 5.93
N PHE A 387 -4.26 40.53 6.05
CA PHE A 387 -4.65 39.74 7.22
C PHE A 387 -3.56 38.77 7.61
N ILE A 388 -3.05 38.03 6.64
CA ILE A 388 -2.16 36.92 6.94
C ILE A 388 -0.85 37.42 7.54
N LEU A 389 -0.16 38.34 6.87
CA LEU A 389 1.15 38.70 7.37
C LEU A 389 1.02 39.54 8.63
N ASP A 390 -0.08 40.28 8.80
CA ASP A 390 -0.18 40.98 10.07
C ASP A 390 -0.33 40.00 11.22
N ALA A 391 -1.15 38.95 11.04
CA ALA A 391 -1.23 37.92 12.07
C ALA A 391 0.13 37.29 12.32
N ASN A 392 0.86 36.97 11.24
CA ASN A 392 2.17 36.34 11.40
C ASN A 392 3.13 37.26 12.13
N ALA A 393 3.14 38.54 11.79
CA ALA A 393 4.01 39.48 12.48
C ALA A 393 3.70 39.50 13.96
N LYS A 394 2.41 39.55 14.30
CA LYS A 394 2.01 39.52 15.70
C LYS A 394 2.57 38.28 16.39
N ASP A 395 2.28 37.10 15.85
CA ASP A 395 2.64 35.87 16.55
C ASP A 395 4.15 35.65 16.57
N LEU A 396 4.84 36.08 15.51
CA LEU A 396 6.28 35.92 15.47
C LEU A 396 6.97 36.86 16.45
N ALA A 397 6.48 38.10 16.54
CA ALA A 397 6.98 38.98 17.58
C ALA A 397 6.78 38.37 18.95
N GLU A 398 5.63 37.72 19.14
CA GLU A 398 5.37 37.08 20.43
C GLU A 398 6.32 35.91 20.66
N ALA A 399 6.68 35.21 19.59
CA ALA A 399 7.43 33.97 19.76
C ALA A 399 8.94 34.18 19.81
N GLN A 400 9.45 35.29 19.26
CA GLN A 400 10.89 35.49 19.26
C GLN A 400 11.43 35.57 20.67
N LYS A 401 10.71 36.24 21.56
CA LYS A 401 11.15 36.33 22.95
C LYS A 401 11.32 34.95 23.57
N SER A 402 10.51 33.98 23.14
CA SER A 402 10.76 32.60 23.53
C SER A 402 12.07 32.09 22.96
N GLY A 403 12.28 32.24 21.65
CA GLY A 403 13.49 31.80 21.01
C GLY A 403 13.84 30.36 21.32
N LEU A 404 12.93 29.45 20.97
CA LEU A 404 13.13 28.04 21.28
C LEU A 404 14.39 27.49 20.62
N ALA A 405 14.42 27.45 19.30
CA ALA A 405 15.54 26.84 18.60
C ALA A 405 15.70 27.47 17.23
N LYS A 406 16.93 27.45 16.72
CA LYS A 406 17.22 28.03 15.42
C LYS A 406 16.30 27.52 14.31
N PRO A 407 16.09 26.20 14.13
CA PRO A 407 15.31 25.76 12.96
C PRO A 407 13.91 26.36 12.90
N LEU A 408 13.14 26.24 13.98
CA LEU A 408 11.78 26.76 13.98
C LEU A 408 11.78 28.28 13.88
N LEU A 409 12.46 28.94 14.83
CA LEU A 409 12.57 30.40 14.87
C LEU A 409 12.99 30.99 13.54
N SER A 410 13.67 30.21 12.70
CA SER A 410 14.06 30.65 11.38
C SER A 410 13.04 30.29 10.31
N ARG A 411 12.40 29.13 10.42
CA ARG A 411 11.59 28.61 9.32
C ARG A 411 10.15 29.10 9.38
N LEU A 412 9.66 29.46 10.54
CA LEU A 412 8.24 29.80 10.64
C LEU A 412 7.88 31.14 10.01
N SER A 413 8.81 31.99 9.61
CA SER A 413 8.44 33.30 9.10
C SER A 413 7.77 33.17 7.74
N LEU A 414 7.44 34.33 7.15
CA LEU A 414 6.75 34.33 5.88
C LEU A 414 6.96 35.69 5.21
N ASN A 415 6.98 35.68 3.88
CA ASN A 415 7.22 36.87 3.08
C ASN A 415 6.38 36.84 1.82
N PRO A 416 6.05 38.02 1.27
CA PRO A 416 5.25 38.05 0.04
C PRO A 416 5.83 37.22 -1.08
N ALA A 417 7.15 37.06 -1.12
CA ALA A 417 7.76 36.17 -2.10
C ALA A 417 7.25 34.74 -1.91
N LYS A 418 7.23 34.27 -0.66
CA LYS A 418 6.69 32.93 -0.40
C LYS A 418 5.24 32.83 -0.79
N LEU A 419 4.48 33.92 -0.61
CA LEU A 419 3.08 33.92 -1.00
C LEU A 419 2.94 33.74 -2.51
N LYS A 420 3.72 34.49 -3.28
CA LYS A 420 3.66 34.34 -4.73
C LYS A 420 4.07 32.93 -5.16
N ASN A 421 5.12 32.39 -4.54
CA ASN A 421 5.55 31.03 -4.85
C ASN A 421 4.43 30.03 -4.60
N LEU A 422 3.81 30.12 -3.42
CA LEU A 422 2.72 29.21 -3.10
C LEU A 422 1.57 29.38 -4.07
N SER A 423 1.25 30.63 -4.44
CA SER A 423 0.15 30.86 -5.35
C SER A 423 0.39 30.19 -6.70
N VAL A 424 1.60 30.34 -7.23
CA VAL A 424 1.88 29.76 -8.53
C VAL A 424 1.92 28.24 -8.44
N GLY A 425 2.47 27.68 -7.36
CA GLY A 425 2.48 26.24 -7.21
C GLY A 425 1.09 25.67 -7.09
N LEU A 426 0.20 26.40 -6.41
CA LEU A 426 -1.17 25.95 -6.27
C LEU A 426 -1.90 26.02 -7.60
N LYS A 427 -1.68 27.08 -8.37
CA LYS A 427 -2.30 27.15 -9.69
C LYS A 427 -1.80 26.02 -10.58
N GLN A 428 -0.52 25.66 -10.45
CA GLN A 428 0.00 24.50 -11.19
C GLN A 428 -0.71 23.23 -10.78
N ILE A 429 -0.84 23.00 -9.47
CA ILE A 429 -1.55 21.82 -8.99
C ILE A 429 -2.96 21.78 -9.54
N ALA A 430 -3.63 22.93 -9.50
CA ALA A 430 -5.00 23.02 -10.00
C ALA A 430 -5.09 22.65 -11.46
N GLU A 431 -4.17 23.18 -12.29
CA GLU A 431 -4.29 22.93 -13.72
C GLU A 431 -3.96 21.48 -14.05
N ASP A 432 -2.97 20.89 -13.39
CA ASP A 432 -2.50 19.58 -13.81
C ASP A 432 -3.16 18.44 -13.06
N SER A 433 -4.00 18.74 -12.08
CA SER A 433 -4.58 17.71 -11.22
C SER A 433 -6.06 17.52 -11.51
N HIS A 434 -6.44 17.61 -12.78
CA HIS A 434 -7.84 17.60 -13.16
C HIS A 434 -8.44 16.20 -13.23
N LYS A 435 -7.62 15.16 -13.28
CA LYS A 435 -8.10 13.79 -13.44
C LYS A 435 -7.48 12.88 -12.39
N ASN A 436 -7.42 13.35 -11.16
CA ASN A 436 -6.94 12.50 -10.07
C ASN A 436 -7.87 11.34 -9.78
N VAL A 437 -9.15 11.60 -9.59
CA VAL A 437 -10.11 10.60 -9.13
C VAL A 437 -10.99 10.18 -10.29
N GLY A 438 -11.22 8.87 -10.41
CA GLY A 438 -12.08 8.34 -11.43
C GLY A 438 -11.38 7.73 -12.62
N ARG A 439 -10.05 7.62 -12.58
CA ARG A 439 -9.34 7.04 -13.70
C ARG A 439 -9.43 5.51 -13.65
N VAL A 440 -9.68 4.91 -14.79
CA VAL A 440 -9.90 3.47 -14.87
C VAL A 440 -8.56 2.77 -14.83
N LEU A 441 -8.57 1.53 -14.33
CA LEU A 441 -7.37 0.73 -14.25
C LEU A 441 -7.51 -0.64 -14.88
N ARG A 442 -8.66 -1.28 -14.75
CA ARG A 442 -8.94 -2.53 -15.43
C ARG A 442 -10.32 -2.47 -16.02
N ARG A 443 -10.44 -3.00 -17.23
CA ARG A 443 -11.72 -3.05 -17.92
C ARG A 443 -11.84 -4.43 -18.55
N THR A 444 -12.44 -5.36 -17.82
CA THR A 444 -12.61 -6.73 -18.28
C THR A 444 -14.09 -7.10 -18.32
N ARG A 445 -14.49 -7.77 -19.39
CA ARG A 445 -15.82 -8.32 -19.53
C ARG A 445 -15.75 -9.81 -19.25
N LEU A 446 -16.38 -10.26 -18.17
CA LEU A 446 -16.36 -11.69 -17.85
C LEU A 446 -17.26 -12.51 -18.74
N ALA A 447 -18.43 -11.97 -19.10
CA ALA A 447 -19.31 -12.64 -20.05
C ALA A 447 -20.21 -11.59 -20.66
N ASP A 448 -21.18 -12.06 -21.45
CA ASP A 448 -22.08 -11.20 -22.18
C ASP A 448 -22.71 -10.13 -21.29
N GLN A 449 -22.45 -8.88 -21.64
CA GLN A 449 -23.00 -7.72 -20.94
C GLN A 449 -22.68 -7.80 -19.44
N LEU A 450 -21.38 -7.88 -19.14
CA LEU A 450 -20.93 -7.89 -17.75
C LEU A 450 -19.51 -7.35 -17.74
N GLU A 451 -19.34 -6.11 -17.26
CA GLU A 451 -18.08 -5.42 -17.33
C GLU A 451 -17.57 -5.11 -15.93
N LEU A 452 -16.69 -5.96 -15.42
CA LEU A 452 -15.99 -5.62 -14.21
C LEU A 452 -14.93 -4.56 -14.49
N LYS A 453 -14.86 -3.58 -13.59
CA LYS A 453 -13.86 -2.53 -13.75
C LYS A 453 -13.38 -2.10 -12.37
N GLN A 454 -12.11 -1.74 -12.31
CA GLN A 454 -11.48 -1.24 -11.09
C GLN A 454 -11.07 0.20 -11.32
N VAL A 455 -11.53 1.10 -10.46
CA VAL A 455 -11.19 2.51 -10.64
C VAL A 455 -10.60 3.08 -9.36
N THR A 456 -9.95 4.24 -9.48
CA THR A 456 -9.30 4.91 -8.38
C THR A 456 -10.35 5.49 -7.45
N VAL A 457 -9.94 5.77 -6.22
CA VAL A 457 -10.89 6.28 -5.25
C VAL A 457 -10.18 7.17 -4.23
N PRO A 458 -10.83 8.23 -3.76
CA PRO A 458 -10.31 8.95 -2.60
C PRO A 458 -10.13 8.04 -1.40
N ILE A 459 -9.30 8.45 -0.45
CA ILE A 459 -8.94 7.62 0.67
C ILE A 459 -9.81 7.91 1.89
N GLY A 460 -9.88 9.17 2.29
CA GLY A 460 -10.75 9.55 3.38
C GLY A 460 -10.15 10.58 4.30
N VAL A 461 -10.14 10.31 5.59
CA VAL A 461 -9.74 11.29 6.59
C VAL A 461 -8.23 11.15 6.77
N LEU A 462 -7.48 12.02 6.10
CA LEU A 462 -6.05 12.03 6.30
C LEU A 462 -5.71 12.78 7.58
N LEU A 463 -4.47 12.65 8.00
CA LEU A 463 -3.97 13.40 9.15
C LEU A 463 -2.59 13.93 8.82
N VAL A 464 -2.42 15.25 8.93
CA VAL A 464 -1.15 15.89 8.64
C VAL A 464 -0.58 16.47 9.93
N ILE A 465 0.67 16.14 10.22
CA ILE A 465 1.33 16.58 11.45
C ILE A 465 2.64 17.23 11.06
N PHE A 466 2.93 18.38 11.67
CA PHE A 466 4.10 19.16 11.30
C PHE A 466 4.38 20.20 12.36
N GLU A 467 5.65 20.59 12.45
CA GLU A 467 6.05 21.70 13.30
C GLU A 467 5.68 23.03 12.65
N SER A 468 6.13 24.11 13.26
CA SER A 468 5.80 25.43 12.77
C SER A 468 6.22 25.59 11.32
N ARG A 469 5.23 25.59 10.44
CA ARG A 469 5.46 25.68 9.01
C ARG A 469 4.23 26.30 8.37
N PRO A 470 3.92 27.55 8.67
CA PRO A 470 2.73 28.18 8.09
C PRO A 470 2.71 28.14 6.58
N ASP A 471 3.85 27.96 5.96
CA ASP A 471 3.93 27.73 4.53
C ASP A 471 3.40 26.36 4.14
N SER A 472 3.53 25.38 5.01
CA SER A 472 3.19 24.00 4.63
C SER A 472 1.71 23.85 4.39
N LEU A 473 0.90 24.23 5.39
CA LEU A 473 -0.55 24.01 5.38
C LEU A 473 -1.23 24.23 4.03
N PRO A 474 -1.01 25.35 3.33
CA PRO A 474 -1.69 25.51 2.05
C PRO A 474 -1.28 24.48 1.02
N GLN A 475 -0.01 24.08 1.00
CA GLN A 475 0.43 23.05 0.06
C GLN A 475 -0.38 21.77 0.26
N VAL A 476 -0.35 21.24 1.49
CA VAL A 476 -1.04 19.98 1.77
C VAL A 476 -2.53 20.13 1.56
N ALA A 477 -3.09 21.30 1.91
CA ALA A 477 -4.53 21.48 1.76
C ALA A 477 -4.92 21.48 0.30
N ALA A 478 -4.13 22.15 -0.53
CA ALA A 478 -4.36 22.10 -1.96
C ALA A 478 -4.26 20.67 -2.46
N LEU A 479 -3.31 19.90 -1.95
CA LEU A 479 -3.19 18.51 -2.38
C LEU A 479 -4.44 17.73 -2.01
N ALA A 480 -4.93 17.90 -0.79
CA ALA A 480 -6.16 17.23 -0.38
C ALA A 480 -7.31 17.60 -1.29
N MET A 481 -7.55 18.91 -1.46
CA MET A 481 -8.59 19.37 -2.36
C MET A 481 -8.40 18.84 -3.77
N ALA A 482 -7.17 18.54 -4.16
CA ALA A 482 -6.89 17.91 -5.44
C ALA A 482 -7.12 16.41 -5.40
N SER A 483 -7.26 15.85 -4.21
CA SER A 483 -7.62 14.46 -4.03
C SER A 483 -9.00 14.31 -3.41
N ALA A 484 -9.73 15.42 -3.24
CA ALA A 484 -11.14 15.40 -2.86
C ALA A 484 -11.40 14.64 -1.57
N ASN A 485 -10.34 14.25 -0.88
CA ASN A 485 -10.47 13.44 0.31
C ASN A 485 -10.38 14.31 1.55
N GLY A 486 -10.94 13.82 2.64
CA GLY A 486 -10.88 14.53 3.89
C GLY A 486 -9.46 14.72 4.36
N LEU A 487 -9.29 15.67 5.27
CA LEU A 487 -7.96 15.98 5.76
C LEU A 487 -8.07 16.65 7.11
N LEU A 488 -7.21 16.24 8.03
CA LEU A 488 -7.13 16.86 9.33
C LEU A 488 -5.80 17.61 9.42
N LEU A 489 -5.70 18.52 10.37
CA LEU A 489 -4.54 19.38 10.47
C LEU A 489 -4.11 19.51 11.93
N LYS A 490 -2.81 19.53 12.12
CA LYS A 490 -2.27 19.74 13.47
C LYS A 490 -0.85 20.26 13.33
N GLY A 491 -0.65 21.49 13.76
CA GLY A 491 0.69 22.06 13.83
C GLY A 491 1.27 21.88 15.21
N GLY A 492 1.83 22.95 15.77
CA GLY A 492 2.39 22.93 17.10
C GLY A 492 1.97 24.15 17.88
N LYS A 493 2.70 24.40 18.97
CA LYS A 493 2.45 25.53 19.86
C LYS A 493 2.44 26.87 19.13
N GLU A 494 3.24 26.99 18.08
CA GLU A 494 3.52 28.29 17.50
C GLU A 494 2.61 28.53 16.29
N ALA A 495 2.76 29.71 15.69
CA ALA A 495 2.03 30.11 14.49
C ALA A 495 0.52 30.08 14.70
N ALA A 496 0.10 29.95 15.95
CA ALA A 496 -1.29 29.65 16.27
C ALA A 496 -2.24 30.57 15.52
N HIS A 497 -2.06 31.88 15.68
CA HIS A 497 -2.93 32.84 15.02
C HIS A 497 -2.86 32.69 13.50
N SER A 498 -1.67 32.45 12.97
CA SER A 498 -1.54 32.29 11.53
C SER A 498 -2.22 31.01 11.07
N ASN A 499 -2.09 29.94 11.84
CA ASN A 499 -2.85 28.74 11.51
C ASN A 499 -4.32 29.06 11.45
N LYS A 500 -4.83 29.79 12.43
CA LYS A 500 -6.22 30.19 12.44
C LYS A 500 -6.56 30.96 11.18
N ALA A 501 -5.73 31.95 10.84
CA ALA A 501 -6.01 32.82 9.73
C ALA A 501 -6.09 32.04 8.43
N LEU A 502 -5.10 31.20 8.20
CA LEU A 502 -5.09 30.40 6.98
C LEU A 502 -6.25 29.43 6.96
N MET A 503 -6.60 28.86 8.12
CA MET A 503 -7.79 28.03 8.20
C MET A 503 -9.01 28.79 7.74
N GLU A 504 -9.19 30.00 8.26
CA GLU A 504 -10.35 30.79 7.86
C GLU A 504 -10.33 31.08 6.38
N LEU A 505 -9.16 31.43 5.85
CA LEU A 505 -9.08 31.75 4.42
C LEU A 505 -9.47 30.55 3.58
N VAL A 506 -8.90 29.38 3.89
CA VAL A 506 -9.19 28.22 3.08
C VAL A 506 -10.64 27.79 3.27
N LYS A 507 -11.20 28.00 4.46
CA LYS A 507 -12.60 27.63 4.66
C LYS A 507 -13.52 28.55 3.88
N GLU A 508 -13.16 29.84 3.79
CA GLU A 508 -13.94 30.75 2.97
C GLU A 508 -13.86 30.36 1.51
N ALA A 509 -12.65 30.08 1.03
CA ALA A 509 -12.50 29.61 -0.34
C ALA A 509 -13.29 28.33 -0.57
N LEU A 510 -13.40 27.50 0.46
CA LEU A 510 -14.17 26.28 0.36
C LEU A 510 -15.66 26.56 0.23
N ALA A 511 -16.23 27.28 1.20
CA ALA A 511 -17.68 27.44 1.31
C ALA A 511 -18.31 27.91 0.03
N THR A 512 -17.54 28.51 -0.87
CA THR A 512 -18.07 28.90 -2.17
C THR A 512 -18.61 27.70 -2.92
N VAL A 513 -17.76 26.72 -3.19
CA VAL A 513 -18.14 25.54 -3.96
C VAL A 513 -18.14 24.34 -3.04
N GLY A 514 -19.14 23.49 -3.18
CA GLY A 514 -19.27 22.33 -2.33
C GLY A 514 -20.10 22.65 -1.11
N ALA A 515 -19.91 23.85 -0.56
CA ALA A 515 -20.71 24.35 0.55
C ALA A 515 -20.57 23.46 1.78
N GLU A 516 -19.64 22.52 1.74
CA GLU A 516 -19.42 21.58 2.82
C GLU A 516 -17.93 21.54 3.12
N HIS A 517 -17.57 21.75 4.38
CA HIS A 517 -16.17 21.83 4.76
C HIS A 517 -15.73 20.52 5.37
N ALA A 518 -14.83 19.81 4.68
CA ALA A 518 -14.10 18.68 5.25
C ALA A 518 -12.64 19.13 5.35
N VAL A 519 -12.37 19.86 6.41
CA VAL A 519 -11.03 20.33 6.75
C VAL A 519 -11.14 20.97 8.12
N SER A 520 -10.08 20.85 8.91
CA SER A 520 -10.17 21.42 10.23
C SER A 520 -8.79 21.72 10.76
N LEU A 521 -8.72 22.01 12.05
CA LEU A 521 -7.52 22.20 12.82
C LEU A 521 -7.91 21.96 14.27
N VAL A 522 -6.92 21.68 15.10
CA VAL A 522 -7.17 21.35 16.49
C VAL A 522 -6.43 22.32 17.39
N SER A 523 -6.75 22.25 18.68
CA SER A 523 -6.16 23.11 19.71
C SER A 523 -4.77 22.62 20.08
N THR A 524 -4.28 23.06 21.23
CA THR A 524 -2.87 22.89 21.59
C THR A 524 -2.49 21.43 21.80
N ARG A 525 -2.01 20.80 20.72
CA ARG A 525 -1.28 19.54 20.74
C ARG A 525 -2.18 18.35 21.09
N GLU A 526 -3.36 18.65 21.64
CA GLU A 526 -4.48 17.73 21.77
C GLU A 526 -4.05 16.31 22.11
N GLU A 527 -2.93 16.21 22.82
CA GLU A 527 -2.37 14.96 23.30
C GLU A 527 -2.37 13.92 22.18
N ILE A 528 -1.59 14.26 21.15
CA ILE A 528 -1.66 13.63 19.83
C ILE A 528 -1.72 12.12 19.91
N SER A 529 -1.17 11.53 20.97
CA SER A 529 -1.33 10.08 21.16
C SER A 529 -2.80 9.70 21.15
N ASP A 530 -3.65 10.52 21.76
CA ASP A 530 -5.09 10.34 21.65
C ASP A 530 -5.53 10.36 20.21
N LEU A 531 -5.29 11.48 19.52
CA LEU A 531 -5.78 11.65 18.17
C LEU A 531 -5.31 10.51 17.27
N LEU A 532 -4.14 9.94 17.59
CA LEU A 532 -3.65 8.79 16.85
C LEU A 532 -4.44 7.54 17.20
N SER A 533 -4.73 7.33 18.50
CA SER A 533 -5.47 6.14 18.91
C SER A 533 -6.81 6.04 18.22
N MET A 534 -7.35 7.16 17.78
CA MET A 534 -8.56 7.15 16.98
C MET A 534 -8.36 6.26 15.75
N GLU A 535 -9.45 5.69 15.28
CA GLU A 535 -9.36 4.72 14.20
C GLU A 535 -10.74 4.58 13.60
N ASN A 536 -10.81 3.96 12.42
CA ASN A 536 -12.04 3.88 11.62
C ASN A 536 -12.45 5.24 11.10
N HIS A 537 -11.74 6.28 11.50
CA HIS A 537 -11.93 7.60 10.91
C HIS A 537 -10.74 8.01 10.06
N ILE A 538 -9.57 8.05 10.67
CA ILE A 538 -8.35 8.49 10.02
C ILE A 538 -7.71 7.31 9.31
N ASP A 539 -7.04 7.60 8.21
CA ASP A 539 -6.58 6.55 7.32
C ASP A 539 -5.06 6.45 7.28
N LEU A 540 -4.38 7.51 6.90
CA LEU A 540 -2.94 7.50 6.73
C LEU A 540 -2.37 8.67 7.52
N ILE A 541 -1.20 8.47 8.11
CA ILE A 541 -0.56 9.53 8.87
C ILE A 541 0.54 10.14 8.00
N ILE A 542 0.55 11.46 7.91
CA ILE A 542 1.59 12.15 7.15
C ILE A 542 2.32 13.13 8.05
N PRO A 543 3.37 12.71 8.74
CA PRO A 543 4.16 13.67 9.52
C PRO A 543 5.01 14.53 8.60
N ARG A 544 5.24 15.76 9.03
CA ARG A 544 5.98 16.71 8.21
C ARG A 544 6.98 17.55 8.99
N GLY A 545 7.06 17.41 10.30
CA GLY A 545 7.94 18.30 11.03
C GLY A 545 9.41 18.08 10.72
N SER A 546 9.97 16.97 11.19
CA SER A 546 11.37 16.62 10.93
C SER A 546 11.63 15.24 11.52
N SER A 547 12.88 14.79 11.44
CA SER A 547 13.23 13.43 11.81
C SER A 547 12.85 13.12 13.24
N ASP A 548 13.14 14.03 14.16
CA ASP A 548 12.69 13.88 15.54
C ASP A 548 11.19 13.59 15.59
N LEU A 549 10.40 14.40 14.90
CA LEU A 549 8.96 14.29 14.99
C LEU A 549 8.47 13.02 14.31
N VAL A 550 8.99 12.72 13.13
CA VAL A 550 8.55 11.53 12.42
C VAL A 550 8.93 10.29 13.20
N ARG A 551 10.05 10.31 13.90
CA ARG A 551 10.44 9.16 14.70
C ARG A 551 9.56 9.05 15.94
N SER A 552 9.21 10.18 16.53
CA SER A 552 8.21 10.17 17.58
C SER A 552 6.95 9.47 17.11
N ILE A 553 6.50 9.81 15.90
CA ILE A 553 5.34 9.14 15.33
C ILE A 553 5.60 7.66 15.20
N GLN A 554 6.71 7.31 14.56
CA GLN A 554 7.06 5.91 14.34
C GLN A 554 6.98 5.10 15.62
N GLN A 555 7.47 5.66 16.72
CA GLN A 555 7.35 4.97 17.99
C GLN A 555 5.91 4.93 18.46
N GLN A 556 5.17 6.02 18.24
CA GLN A 556 3.77 6.03 18.62
C GLN A 556 2.93 5.22 17.64
N SER A 557 3.27 5.26 16.37
CA SER A 557 2.41 4.72 15.31
C SER A 557 2.14 3.24 15.55
N LEU A 558 0.88 2.91 15.79
CA LEU A 558 0.45 1.53 15.96
C LEU A 558 -0.99 1.39 15.50
N HIS A 559 -1.28 0.30 14.79
CA HIS A 559 -2.63 -0.01 14.32
C HIS A 559 -3.20 1.12 13.46
N ILE A 560 -2.33 1.76 12.70
CA ILE A 560 -2.73 2.80 11.75
C ILE A 560 -1.61 3.00 10.74
N PRO A 561 -1.89 2.88 9.44
CA PRO A 561 -0.81 2.95 8.45
C PRO A 561 -0.13 4.31 8.48
N VAL A 562 1.11 4.33 8.02
CA VAL A 562 2.00 5.48 8.21
C VAL A 562 2.74 5.76 6.91
N LEU A 563 2.76 7.01 6.50
CA LEU A 563 3.65 7.45 5.44
C LEU A 563 4.90 8.08 6.06
N GLY A 564 5.92 8.26 5.23
CA GLY A 564 7.13 8.95 5.63
C GLY A 564 8.28 8.01 5.90
N HIS A 565 9.42 8.61 6.17
CA HIS A 565 10.65 7.87 6.44
C HIS A 565 11.10 8.17 7.87
N ALA A 566 12.17 7.49 8.29
CA ALA A 566 12.73 7.71 9.61
C ALA A 566 14.20 8.08 9.61
N GLU A 567 15.01 7.54 8.71
CA GLU A 567 16.38 7.98 8.53
C GLU A 567 16.56 8.38 7.07
N GLY A 568 17.69 9.00 6.80
CA GLY A 568 18.01 9.37 5.44
C GLY A 568 19.38 8.86 5.05
N VAL A 569 19.71 7.65 5.48
CA VAL A 569 21.07 7.16 5.31
C VAL A 569 21.26 6.76 3.85
N CYS A 570 21.79 7.67 3.07
CA CYS A 570 22.08 7.40 1.67
C CYS A 570 23.38 6.61 1.59
N HIS A 571 23.87 6.37 0.38
CA HIS A 571 25.13 5.66 0.22
C HIS A 571 25.66 5.92 -1.17
N VAL A 572 26.97 6.06 -1.26
CA VAL A 572 27.64 6.31 -2.54
C VAL A 572 28.82 5.33 -2.63
N TYR A 573 28.94 4.67 -3.76
CA TYR A 573 30.06 3.78 -3.98
C TYR A 573 30.84 4.27 -5.18
N ILE A 574 32.15 4.03 -5.19
CA ILE A 574 32.99 4.34 -6.32
C ILE A 574 33.65 3.05 -6.79
N ASP A 575 33.59 2.80 -8.08
CA ASP A 575 34.33 1.68 -8.62
C ASP A 575 35.68 2.13 -9.15
N ARG A 576 36.54 1.16 -9.40
CA ARG A 576 37.85 1.36 -10.01
C ARG A 576 37.77 1.85 -11.45
N ASP A 577 36.59 2.11 -11.97
CA ASP A 577 36.41 2.49 -13.37
C ASP A 577 35.61 3.78 -13.49
N ALA A 578 35.99 4.79 -12.72
CA ALA A 578 35.32 6.07 -12.76
C ALA A 578 36.34 7.21 -12.75
N ASP A 579 36.07 8.24 -13.53
CA ASP A 579 36.93 9.41 -13.53
C ASP A 579 36.96 10.07 -12.16
N LEU A 580 38.13 10.55 -11.78
CA LEU A 580 38.34 11.09 -10.45
C LEU A 580 37.43 12.29 -10.20
N GLU A 581 37.65 13.37 -10.96
CA GLU A 581 36.95 14.61 -10.69
C GLU A 581 35.45 14.45 -10.84
N LYS A 582 35.02 13.47 -11.62
CA LYS A 582 33.61 13.12 -11.64
C LYS A 582 33.14 12.77 -10.23
N ALA A 583 33.80 11.79 -9.61
CA ALA A 583 33.44 11.44 -8.25
C ALA A 583 33.59 12.63 -7.33
N LEU A 584 34.61 13.45 -7.57
CA LEU A 584 34.85 14.60 -6.71
C LEU A 584 33.64 15.53 -6.70
N ARG A 585 33.30 16.06 -7.87
CA ARG A 585 32.16 16.96 -7.95
C ARG A 585 30.87 16.27 -7.51
N ILE A 586 30.77 14.95 -7.71
CA ILE A 586 29.60 14.23 -7.25
C ILE A 586 29.47 14.36 -5.74
N ALA A 587 30.52 13.97 -5.02
CA ALA A 587 30.47 14.08 -3.57
C ALA A 587 30.25 15.53 -3.15
N ARG A 588 30.89 16.46 -3.86
CA ARG A 588 30.76 17.87 -3.55
C ARG A 588 29.31 18.29 -3.55
N ASP A 589 28.61 18.08 -4.66
CA ASP A 589 27.20 18.42 -4.75
C ASP A 589 26.35 17.58 -3.81
N ALA A 590 26.68 16.31 -3.62
CA ALA A 590 25.80 15.42 -2.88
C ALA A 590 25.83 15.71 -1.40
N LYS A 591 26.91 16.34 -0.93
CA LYS A 591 26.99 16.66 0.50
C LYS A 591 26.83 18.14 0.79
N CYS A 592 27.46 19.01 0.02
CA CYS A 592 27.54 20.43 0.34
C CYS A 592 26.43 21.25 -0.32
N ASP A 593 25.27 20.63 -0.58
CA ASP A 593 24.14 21.37 -1.10
C ASP A 593 23.13 21.71 -0.03
N TYR A 594 22.64 20.71 0.70
CA TYR A 594 21.70 20.92 1.80
C TYR A 594 22.01 19.88 2.85
N PRO A 595 23.00 20.14 3.70
CA PRO A 595 23.41 19.13 4.68
C PRO A 595 22.27 18.63 5.54
N ALA A 596 21.40 19.52 5.99
CA ALA A 596 20.31 19.11 6.86
C ALA A 596 19.23 18.35 6.11
N ALA A 597 19.30 18.28 4.78
CA ALA A 597 18.26 17.59 4.04
C ALA A 597 18.29 16.10 4.36
N CYS A 598 17.17 15.45 4.09
CA CYS A 598 17.03 14.06 4.48
C CYS A 598 17.67 13.09 3.50
N ASN A 599 17.63 13.41 2.21
CA ASN A 599 18.13 12.51 1.19
C ASN A 599 19.53 12.92 0.78
N ALA A 600 20.25 13.52 1.71
CA ALA A 600 21.63 13.91 1.48
C ALA A 600 22.56 12.78 1.91
N MET A 601 23.58 12.54 1.09
CA MET A 601 24.51 11.45 1.38
C MET A 601 25.20 11.68 2.71
N GLU A 602 25.31 10.61 3.50
CA GLU A 602 26.00 10.63 4.78
C GLU A 602 26.90 9.41 4.92
N THR A 603 27.60 9.07 3.85
CA THR A 603 28.61 8.03 3.86
C THR A 603 29.32 8.04 2.52
N LEU A 604 30.28 7.12 2.36
CA LEU A 604 31.03 7.03 1.12
C LEU A 604 31.79 5.70 1.13
N LEU A 605 31.66 4.94 0.05
CA LEU A 605 32.43 3.73 -0.11
C LEU A 605 33.29 3.80 -1.37
N ILE A 606 34.43 3.12 -1.34
CA ILE A 606 35.39 3.20 -2.42
C ILE A 606 35.92 1.82 -2.74
N HIS A 607 36.26 1.61 -4.00
CA HIS A 607 37.02 0.43 -4.41
C HIS A 607 38.42 0.49 -3.79
N GLU A 608 38.93 -0.68 -3.39
CA GLU A 608 40.22 -0.71 -2.71
C GLU A 608 41.35 -0.22 -3.60
N ASP A 609 41.29 -0.53 -4.90
CA ASP A 609 42.45 -0.31 -5.75
C ASP A 609 42.72 1.17 -5.94
N LEU A 610 41.66 1.98 -5.95
CA LEU A 610 41.84 3.41 -6.14
C LEU A 610 42.54 4.07 -4.97
N MET A 611 42.81 3.34 -3.89
CA MET A 611 43.60 3.90 -2.80
C MET A 611 45.00 4.29 -3.25
N SER A 612 45.54 3.60 -4.26
CA SER A 612 46.89 3.90 -4.74
C SER A 612 46.90 5.04 -5.74
N GLY A 613 45.75 5.60 -6.10
CA GLY A 613 45.71 6.68 -7.07
C GLY A 613 45.56 8.04 -6.42
N ALA A 614 45.77 8.09 -5.11
CA ALA A 614 45.75 9.31 -4.32
C ALA A 614 44.44 10.05 -4.41
N ILE A 615 43.39 9.42 -4.93
CA ILE A 615 42.09 10.07 -4.93
C ILE A 615 41.66 10.40 -3.51
N PHE A 616 41.95 9.51 -2.56
CA PHE A 616 41.50 9.69 -1.18
C PHE A 616 41.83 11.07 -0.66
N GLY A 617 43.11 11.45 -0.76
CA GLY A 617 43.50 12.77 -0.32
C GLY A 617 42.78 13.86 -1.06
N ASP A 618 42.50 13.65 -2.34
CA ASP A 618 41.82 14.67 -3.11
C ASP A 618 40.41 14.91 -2.56
N VAL A 619 39.69 13.83 -2.26
CA VAL A 619 38.34 14.02 -1.75
C VAL A 619 38.37 14.63 -0.36
N CYS A 620 39.36 14.26 0.44
CA CYS A 620 39.47 14.89 1.75
C CYS A 620 39.78 16.37 1.61
N ASN A 621 40.61 16.73 0.64
CA ASN A 621 40.85 18.13 0.35
C ASN A 621 39.55 18.83 0.04
N MET A 622 38.70 18.19 -0.75
CA MET A 622 37.40 18.78 -1.07
C MET A 622 36.57 18.96 0.19
N LEU A 623 36.55 17.93 1.04
CA LEU A 623 35.74 18.00 2.25
C LEU A 623 36.21 19.11 3.17
N LYS A 624 37.53 19.30 3.24
CA LYS A 624 38.07 20.40 4.01
C LYS A 624 37.68 21.74 3.39
N ARG A 625 37.84 21.86 2.06
CA ARG A 625 37.40 23.06 1.37
C ARG A 625 35.94 23.36 1.65
N GLU A 626 35.14 22.34 1.89
CA GLU A 626 33.76 22.50 2.31
C GLU A 626 33.59 22.25 3.80
N GLY A 627 34.69 22.03 4.53
CA GLY A 627 34.63 21.88 5.97
C GLY A 627 33.76 20.73 6.42
N VAL A 628 34.17 19.50 6.13
CA VAL A 628 33.37 18.33 6.46
C VAL A 628 34.15 17.47 7.44
N LYS A 629 33.58 17.29 8.63
CA LYS A 629 34.20 16.47 9.66
C LYS A 629 34.02 15.01 9.28
N ILE A 630 35.09 14.39 8.82
CA ILE A 630 34.99 13.02 8.32
C ILE A 630 35.60 12.07 9.33
N TYR A 631 34.99 10.91 9.46
CA TYR A 631 35.52 9.82 10.26
C TYR A 631 36.17 8.80 9.33
N ALA A 632 36.53 7.65 9.88
CA ALA A 632 37.14 6.59 9.09
C ALA A 632 36.40 5.29 9.34
N GLY A 633 36.59 4.35 8.42
CA GLY A 633 35.97 3.05 8.52
C GLY A 633 36.97 1.97 8.86
N PRO A 634 36.49 0.90 9.50
CA PRO A 634 37.40 -0.09 10.08
C PRO A 634 38.49 -0.58 9.15
N ARG A 635 38.14 -0.98 7.92
CA ARG A 635 39.18 -1.39 7.00
C ARG A 635 40.08 -0.23 6.65
N LEU A 636 39.50 0.94 6.38
CA LEU A 636 40.35 2.12 6.19
C LEU A 636 41.09 2.45 7.46
N ASN A 637 40.40 2.38 8.60
CA ASN A 637 41.04 2.60 9.89
C ASN A 637 42.35 1.85 9.97
N GLN A 638 42.32 0.56 9.68
CA GLN A 638 43.56 -0.19 9.56
C GLN A 638 44.45 0.37 8.47
N GLN A 639 43.87 0.81 7.35
CA GLN A 639 44.65 0.99 6.14
C GLN A 639 45.80 1.96 6.33
N LEU A 640 45.53 3.16 6.80
CA LEU A 640 46.53 4.20 6.82
C LEU A 640 47.28 4.20 8.15
N THR A 641 48.39 4.95 8.21
CA THR A 641 49.18 5.07 9.42
C THR A 641 48.35 5.65 10.54
N PHE A 642 47.71 6.77 10.29
CA PHE A 642 46.75 7.30 11.24
C PHE A 642 45.40 7.61 10.62
N GLY A 643 45.35 8.15 9.42
CA GLY A 643 44.12 8.53 8.77
C GLY A 643 43.26 9.45 9.61
N PRO A 644 42.02 9.63 9.19
CA PRO A 644 41.06 10.38 9.99
C PRO A 644 40.69 9.58 11.23
N PRO A 645 40.02 10.20 12.20
CA PRO A 645 39.73 9.51 13.46
C PRO A 645 38.73 8.39 13.28
N ALA A 646 38.37 7.78 14.41
CA ALA A 646 37.57 6.56 14.41
C ALA A 646 36.08 6.89 14.44
N ALA A 647 35.31 6.16 13.64
CA ALA A 647 33.87 6.34 13.62
C ALA A 647 33.21 5.56 14.75
N LYS A 648 32.25 6.18 15.41
CA LYS A 648 31.54 5.53 16.49
C LYS A 648 30.77 4.31 16.00
N SER A 649 29.75 4.54 15.15
CA SER A 649 28.92 3.47 14.64
C SER A 649 28.61 3.75 13.18
N LEU A 650 28.55 2.69 12.38
CA LEU A 650 28.32 2.86 10.95
C LEU A 650 26.98 3.48 10.64
N LYS A 651 25.96 3.21 11.46
CA LYS A 651 24.59 3.60 11.15
C LYS A 651 24.21 4.93 11.77
N HIS A 652 25.18 5.77 12.08
CA HIS A 652 24.86 7.05 12.67
C HIS A 652 24.23 7.97 11.63
N GLU A 653 23.57 9.01 12.12
CA GLU A 653 22.97 10.04 11.29
C GLU A 653 23.49 11.39 11.75
N TYR A 654 24.07 12.15 10.82
CA TYR A 654 24.74 13.40 11.17
C TYR A 654 23.90 14.62 10.84
N GLY A 655 23.52 14.78 9.58
CA GLY A 655 22.80 15.98 9.18
C GLY A 655 23.67 17.19 8.95
N ALA A 656 24.78 17.28 9.66
CA ALA A 656 25.72 18.38 9.48
C ALA A 656 26.82 17.97 8.50
N LEU A 657 27.89 18.77 8.44
CA LEU A 657 28.97 18.56 7.48
C LEU A 657 29.86 17.43 7.96
N GLU A 658 29.33 16.21 7.91
CA GLU A 658 30.07 15.02 8.26
C GLU A 658 29.78 13.94 7.23
N CYS A 659 30.73 13.05 7.02
CA CYS A 659 30.52 11.92 6.14
C CYS A 659 31.51 10.83 6.51
N CYS A 660 31.00 9.66 6.88
CA CYS A 660 31.88 8.52 7.07
C CYS A 660 32.46 8.10 5.73
N ILE A 661 33.62 7.45 5.80
CA ILE A 661 34.29 6.99 4.59
C ILE A 661 34.87 5.62 4.89
N GLU A 662 34.76 4.71 3.93
CA GLU A 662 35.23 3.35 4.12
C GLU A 662 35.52 2.74 2.76
N VAL A 663 36.37 1.71 2.75
CA VAL A 663 36.83 1.08 1.52
C VAL A 663 36.68 -0.43 1.65
N VAL A 664 36.34 -1.09 0.55
CA VAL A 664 36.12 -2.52 0.55
C VAL A 664 36.68 -3.12 -0.73
N PRO A 665 37.10 -4.36 -0.72
CA PRO A 665 37.68 -4.95 -1.93
C PRO A 665 36.68 -5.20 -3.05
N SER A 666 35.58 -5.88 -2.76
CA SER A 666 34.69 -6.37 -3.80
C SER A 666 33.34 -5.69 -3.74
N LEU A 667 32.78 -5.46 -4.92
CA LEU A 667 31.45 -4.88 -5.03
C LEU A 667 30.45 -5.70 -4.23
N ASP A 668 30.67 -7.00 -4.17
CA ASP A 668 29.79 -7.84 -3.37
C ASP A 668 29.86 -7.45 -1.92
N GLU A 669 31.07 -7.23 -1.39
CA GLU A 669 31.18 -6.69 -0.06
C GLU A 669 30.41 -5.39 0.07
N ALA A 670 30.41 -4.60 -1.00
CA ALA A 670 29.69 -3.33 -0.97
C ALA A 670 28.19 -3.57 -0.82
N ILE A 671 27.64 -4.49 -1.60
CA ILE A 671 26.22 -4.79 -1.49
C ILE A 671 25.89 -5.29 -0.10
N ASN A 672 26.78 -6.13 0.44
CA ASN A 672 26.61 -6.59 1.82
C ASN A 672 26.49 -5.42 2.76
N HIS A 673 27.46 -4.50 2.70
CA HIS A 673 27.47 -3.39 3.63
C HIS A 673 26.25 -2.52 3.45
N ILE A 674 25.81 -2.34 2.20
CA ILE A 674 24.66 -1.49 1.95
C ILE A 674 23.42 -2.10 2.58
N HIS A 675 23.06 -3.32 2.16
CA HIS A 675 21.87 -3.96 2.70
C HIS A 675 21.98 -4.15 4.21
N THR A 676 23.21 -4.12 4.73
CA THR A 676 23.40 -4.30 6.15
C THR A 676 23.15 -3.00 6.91
N TYR A 677 23.64 -1.90 6.38
CA TYR A 677 23.63 -0.63 7.09
C TYR A 677 22.71 0.38 6.43
N GLY A 678 22.61 0.36 5.10
CA GLY A 678 21.76 1.31 4.42
C GLY A 678 20.32 1.21 4.87
N SER A 679 19.67 2.37 4.96
CA SER A 679 18.26 2.41 5.28
C SER A 679 17.39 2.13 4.08
N SER A 680 17.97 1.62 3.00
CA SER A 680 17.28 1.45 1.72
C SER A 680 16.57 2.73 1.31
N HIS A 681 17.04 3.86 1.82
CA HIS A 681 16.44 5.15 1.51
C HIS A 681 16.75 5.57 0.09
N THR A 682 18.03 5.69 -0.23
CA THR A 682 18.45 6.14 -1.56
C THR A 682 19.94 5.82 -1.71
N ASP A 683 20.30 5.12 -2.78
CA ASP A 683 21.68 4.71 -2.98
C ASP A 683 22.09 5.01 -4.41
N VAL A 684 23.40 4.92 -4.67
CA VAL A 684 23.94 5.30 -5.97
C VAL A 684 25.14 4.41 -6.29
N ILE A 685 25.73 4.60 -7.46
CA ILE A 685 26.99 3.99 -7.84
C ILE A 685 27.62 4.85 -8.92
N VAL A 686 28.94 4.86 -8.95
CA VAL A 686 29.67 5.53 -10.01
C VAL A 686 30.73 4.59 -10.57
N THR A 687 30.82 4.54 -11.89
CA THR A 687 31.82 3.79 -12.63
C THR A 687 31.60 4.10 -14.11
N GLU A 688 32.45 3.51 -14.95
CA GLU A 688 32.28 3.67 -16.40
C GLU A 688 32.22 2.33 -17.11
N ASN A 689 32.08 1.23 -16.39
CA ASN A 689 31.71 -0.05 -16.97
C ASN A 689 30.27 -0.36 -16.60
N ASP A 690 29.51 -0.89 -17.56
CA ASP A 690 28.10 -1.07 -17.33
C ASP A 690 27.81 -2.42 -16.68
N ALA A 691 28.73 -3.38 -16.81
CA ALA A 691 28.57 -4.65 -16.12
C ALA A 691 28.40 -4.44 -14.63
N ALA A 692 29.30 -3.64 -14.04
CA ALA A 692 29.12 -3.23 -12.67
C ALA A 692 27.78 -2.55 -12.48
N ALA A 693 27.36 -1.75 -13.45
CA ALA A 693 26.11 -1.01 -13.31
C ALA A 693 24.93 -1.96 -13.24
N ARG A 694 24.78 -2.83 -14.24
CA ARG A 694 23.67 -3.77 -14.23
C ARG A 694 23.70 -4.62 -12.96
N GLN A 695 24.89 -5.10 -12.58
CA GLN A 695 24.98 -5.96 -11.42
C GLN A 695 24.51 -5.22 -10.17
N PHE A 696 25.09 -4.05 -9.91
CA PHE A 696 24.70 -3.25 -8.77
C PHE A 696 23.19 -3.02 -8.77
N LEU A 697 22.68 -2.41 -9.84
CA LEU A 697 21.31 -1.96 -9.86
C LEU A 697 20.31 -3.12 -9.84
N GLY A 698 20.74 -4.34 -10.17
CA GLY A 698 19.84 -5.45 -10.00
C GLY A 698 19.95 -5.98 -8.59
N SER A 699 21.10 -5.76 -7.98
CA SER A 699 21.37 -6.28 -6.65
C SER A 699 20.83 -5.37 -5.55
N VAL A 700 21.18 -4.09 -5.60
CA VAL A 700 20.74 -3.20 -4.54
C VAL A 700 19.23 -3.05 -4.60
N ASP A 701 18.61 -2.90 -3.43
CA ASP A 701 17.15 -2.87 -3.33
C ASP A 701 16.64 -1.61 -2.64
N SER A 702 17.26 -0.46 -2.88
CA SER A 702 16.81 0.76 -2.22
C SER A 702 15.48 1.23 -2.80
N ALA A 703 14.87 2.20 -2.13
CA ALA A 703 13.66 2.82 -2.65
C ALA A 703 13.90 3.55 -3.96
N CYS A 704 15.14 3.96 -4.21
CA CYS A 704 15.47 4.66 -5.45
C CYS A 704 16.98 4.71 -5.60
N VAL A 705 17.48 4.30 -6.75
CA VAL A 705 18.91 4.15 -6.96
C VAL A 705 19.32 5.02 -8.14
N PHE A 706 20.62 5.21 -8.31
CA PHE A 706 21.11 6.15 -9.28
C PHE A 706 22.43 5.68 -9.87
N HIS A 707 22.89 6.43 -10.87
CA HIS A 707 24.13 6.11 -11.55
C HIS A 707 24.67 7.41 -12.12
N ASN A 708 25.82 7.86 -11.62
CA ASN A 708 26.46 9.12 -11.96
C ASN A 708 25.62 10.33 -11.56
N ALA A 709 24.56 10.15 -10.79
CA ALA A 709 23.75 11.26 -10.33
C ALA A 709 24.08 11.56 -8.86
N SER A 710 23.32 12.45 -8.26
CA SER A 710 23.56 12.86 -6.88
C SER A 710 22.49 12.27 -5.98
N SER A 711 22.82 12.15 -4.70
CA SER A 711 21.80 11.79 -3.72
C SER A 711 20.75 12.86 -3.55
N ARG A 712 20.95 14.05 -4.12
CA ARG A 712 20.08 15.19 -3.87
C ARG A 712 18.98 15.31 -4.92
N PHE A 713 18.46 14.18 -5.39
CA PHE A 713 17.41 14.21 -6.38
C PHE A 713 16.05 13.82 -5.84
N ALA A 714 15.98 13.28 -4.63
CA ALA A 714 14.69 12.86 -4.08
C ALA A 714 13.88 14.06 -3.64
N ASP A 715 13.13 14.67 -4.56
CA ASP A 715 12.31 15.83 -4.23
C ASP A 715 10.92 15.80 -4.85
N GLY A 716 10.57 14.76 -5.58
CA GLY A 716 9.24 14.69 -6.14
C GLY A 716 9.02 15.68 -7.26
N PHE A 717 9.23 16.96 -6.97
CA PHE A 717 9.22 17.96 -8.04
C PHE A 717 10.30 17.66 -9.06
N ARG A 718 11.54 17.48 -8.60
CA ARG A 718 12.61 17.08 -9.50
C ARG A 718 12.27 15.80 -10.23
N PHE A 719 11.48 14.93 -9.60
CA PHE A 719 10.99 13.73 -10.26
C PHE A 719 9.91 14.03 -11.28
N GLY A 720 9.61 15.29 -11.56
CA GLY A 720 8.48 15.60 -12.42
C GLY A 720 7.21 14.97 -11.91
N LEU A 721 7.10 14.81 -10.59
CA LEU A 721 5.96 14.18 -9.94
C LEU A 721 5.13 15.21 -9.20
N GLY A 722 5.24 16.47 -9.61
CA GLY A 722 4.51 17.52 -8.93
C GLY A 722 4.99 17.69 -7.50
N ALA A 723 4.13 18.28 -6.68
CA ALA A 723 4.48 18.63 -5.30
C ALA A 723 4.29 17.38 -4.44
N GLU A 724 5.41 16.79 -4.05
CA GLU A 724 5.36 15.60 -3.22
C GLU A 724 4.80 15.93 -1.85
N VAL A 725 4.56 14.89 -1.05
CA VAL A 725 4.02 15.05 0.29
C VAL A 725 4.89 14.40 1.35
N GLY A 726 5.66 13.40 0.98
CA GLY A 726 6.56 12.77 1.91
C GLY A 726 7.53 11.88 1.17
N ILE A 727 8.29 11.12 1.92
CA ILE A 727 9.21 10.15 1.36
C ILE A 727 8.95 8.83 2.08
N SER A 728 8.21 7.95 1.42
CA SER A 728 7.91 6.65 2.00
C SER A 728 9.14 5.77 1.96
N THR A 729 9.57 5.32 3.13
CA THR A 729 10.56 4.25 3.20
C THR A 729 9.92 2.89 3.39
N ALA A 730 8.65 2.85 3.76
CA ALA A 730 7.95 1.58 3.90
C ALA A 730 7.92 0.86 2.57
N ARG A 731 7.72 -0.45 2.64
CA ARG A 731 7.75 -1.31 1.47
C ARG A 731 6.36 -1.57 0.91
N ILE A 732 5.42 -0.65 1.10
CA ILE A 732 4.01 -0.91 0.81
C ILE A 732 3.38 0.33 0.20
N HIS A 733 2.75 0.15 -0.97
CA HIS A 733 1.83 1.09 -1.57
C HIS A 733 2.54 2.30 -2.14
N ALA A 734 3.82 2.44 -1.87
CA ALA A 734 4.52 3.67 -2.23
C ALA A 734 6.01 3.51 -1.98
N ARG A 735 6.82 4.07 -2.85
CA ARG A 735 8.25 3.87 -2.71
C ARG A 735 8.96 5.20 -2.89
N GLY A 736 9.50 5.73 -1.79
CA GLY A 736 10.28 6.93 -1.84
C GLY A 736 9.44 8.18 -1.99
N PRO A 737 9.64 8.91 -3.07
CA PRO A 737 8.87 10.13 -3.29
C PRO A 737 7.43 9.80 -3.65
N VAL A 738 6.50 10.37 -2.91
CA VAL A 738 5.08 10.16 -3.11
C VAL A 738 4.47 11.43 -3.68
N GLY A 739 4.00 11.35 -4.92
CA GLY A 739 3.29 12.46 -5.51
C GLY A 739 1.87 12.49 -5.01
N VAL A 740 0.90 12.65 -5.90
CA VAL A 740 -0.48 12.49 -5.50
C VAL A 740 -0.92 11.04 -5.59
N GLU A 741 -0.19 10.21 -6.34
CA GLU A 741 -0.61 8.85 -6.63
C GLU A 741 -0.80 8.01 -5.38
N GLY A 742 0.07 8.16 -4.39
CA GLY A 742 -0.05 7.36 -3.21
C GLY A 742 -1.17 7.85 -2.31
N LEU A 743 -2.08 8.66 -2.86
CA LEU A 743 -3.16 9.22 -2.08
C LEU A 743 -4.53 8.87 -2.66
N LEU A 744 -4.58 7.97 -3.63
CA LEU A 744 -5.84 7.51 -4.18
C LEU A 744 -5.73 6.01 -4.39
N THR A 745 -6.56 5.26 -3.69
CA THR A 745 -6.52 3.82 -3.81
C THR A 745 -7.53 3.35 -4.83
N THR A 746 -7.75 2.04 -4.88
CA THR A 746 -8.51 1.39 -5.92
C THR A 746 -9.90 1.01 -5.41
N LYS A 747 -10.77 0.66 -6.36
CA LYS A 747 -12.13 0.23 -6.01
C LYS A 747 -12.68 -0.54 -7.21
N TRP A 748 -13.13 -1.77 -6.97
CA TRP A 748 -13.80 -2.53 -7.99
C TRP A 748 -15.30 -2.21 -8.02
N ILE A 749 -15.84 -2.05 -9.21
CA ILE A 749 -17.29 -2.01 -9.36
C ILE A 749 -17.65 -3.01 -10.45
N LEU A 750 -18.94 -3.30 -10.56
CA LEU A 750 -19.41 -4.29 -11.52
C LEU A 750 -20.91 -4.14 -11.69
N GLU A 751 -21.36 -4.00 -12.93
CA GLU A 751 -22.77 -3.75 -13.21
C GLU A 751 -23.30 -4.90 -14.05
N GLY A 752 -23.71 -5.98 -13.38
CA GLY A 752 -24.34 -7.08 -14.08
C GLY A 752 -25.75 -6.74 -14.50
N GLN A 753 -26.27 -7.53 -15.45
CA GLN A 753 -27.63 -7.31 -15.93
C GLN A 753 -28.62 -8.20 -15.17
N ASP A 754 -28.43 -9.51 -15.20
CA ASP A 754 -29.27 -10.44 -14.47
C ASP A 754 -28.45 -11.60 -13.91
N HIS A 755 -27.13 -11.47 -13.87
CA HIS A 755 -26.27 -12.61 -13.63
C HIS A 755 -26.35 -13.05 -12.16
N ALA A 756 -25.72 -14.19 -11.88
CA ALA A 756 -25.61 -14.72 -10.54
C ALA A 756 -24.32 -15.53 -10.47
N ALA A 757 -24.08 -16.16 -9.33
CA ALA A 757 -22.83 -16.89 -9.12
C ALA A 757 -22.90 -18.32 -9.64
N ALA A 758 -23.92 -19.07 -9.24
CA ALA A 758 -24.05 -20.45 -9.69
C ALA A 758 -24.33 -20.58 -11.17
N ASP A 759 -24.78 -19.50 -11.83
CA ASP A 759 -25.03 -19.54 -13.26
C ASP A 759 -23.77 -19.94 -14.04
N PHE A 760 -22.59 -19.59 -13.57
CA PHE A 760 -21.36 -19.98 -14.24
C PHE A 760 -20.97 -21.41 -13.94
N ALA A 761 -21.70 -22.11 -13.09
CA ALA A 761 -21.48 -23.54 -12.92
C ALA A 761 -22.06 -24.25 -14.14
N GLU A 762 -21.90 -25.58 -14.20
CA GLU A 762 -22.29 -26.32 -15.38
C GLU A 762 -23.80 -26.31 -15.61
N GLY A 763 -24.59 -26.01 -14.57
CA GLY A 763 -26.02 -25.93 -14.76
C GLY A 763 -26.43 -24.78 -15.66
N GLY A 764 -25.78 -23.63 -15.51
CA GLY A 764 -26.07 -22.46 -16.32
C GLY A 764 -25.05 -22.32 -17.42
N GLY A 765 -25.53 -21.90 -18.59
CA GLY A 765 -24.65 -21.75 -19.75
C GLY A 765 -23.86 -20.46 -19.71
N ARG A 766 -22.82 -20.41 -18.88
CA ARG A 766 -22.00 -19.22 -18.75
C ARG A 766 -20.53 -19.59 -18.88
N THR A 767 -19.81 -18.83 -19.70
CA THR A 767 -18.40 -19.01 -19.91
C THR A 767 -17.67 -17.70 -19.55
N TRP A 768 -16.35 -17.72 -19.65
CA TRP A 768 -15.52 -16.65 -19.17
C TRP A 768 -14.71 -16.08 -20.33
N LEU A 769 -14.70 -14.75 -20.45
CA LEU A 769 -14.08 -14.10 -21.60
C LEU A 769 -12.75 -13.46 -21.26
N HIS A 770 -12.70 -12.65 -20.20
CA HIS A 770 -11.47 -11.97 -19.77
C HIS A 770 -10.89 -11.10 -20.88
N GLU A 771 -11.74 -10.61 -21.77
CA GLU A 771 -11.28 -9.72 -22.83
C GLU A 771 -11.09 -8.33 -22.24
N THR A 772 -9.86 -8.04 -21.80
CA THR A 772 -9.59 -6.74 -21.22
C THR A 772 -9.67 -5.69 -22.31
N LEU A 773 -10.80 -5.01 -22.39
CA LEU A 773 -10.97 -3.95 -23.35
C LEU A 773 -9.96 -2.85 -23.09
N PRO A 774 -9.62 -2.06 -24.09
CA PRO A 774 -8.70 -0.95 -23.85
C PRO A 774 -9.29 0.04 -22.86
N LEU A 775 -8.67 0.12 -21.69
CA LEU A 775 -9.12 1.05 -20.68
C LEU A 775 -9.13 2.46 -21.25
N ASP A 776 -10.23 3.16 -21.04
CA ASP A 776 -10.49 4.45 -21.68
C ASP A 776 -9.38 5.45 -21.39
N PRO B 347 17.17 -22.90 13.81
CA PRO B 347 16.82 -21.64 14.48
C PRO B 347 15.83 -20.83 13.67
N VAL B 348 15.85 -19.51 13.83
CA VAL B 348 14.87 -18.63 13.23
C VAL B 348 15.51 -17.55 12.37
N GLU B 349 16.34 -16.71 12.97
CA GLU B 349 16.90 -15.58 12.24
C GLU B 349 17.74 -16.04 11.07
N VAL B 350 18.49 -17.12 11.25
CA VAL B 350 19.23 -17.71 10.15
C VAL B 350 18.29 -18.01 9.00
N MET B 351 17.10 -18.51 9.29
CA MET B 351 16.12 -18.74 8.26
C MET B 351 15.76 -17.44 7.58
N ALA B 352 15.56 -16.38 8.36
CA ALA B 352 15.18 -15.09 7.79
C ALA B 352 16.23 -14.60 6.81
N GLU B 353 17.48 -14.66 7.19
CA GLU B 353 18.52 -14.09 6.35
C GLU B 353 18.81 -15.01 5.16
N ASN B 354 18.78 -16.32 5.40
CA ASN B 354 18.86 -17.27 4.30
C ASN B 354 17.77 -17.00 3.27
N ALA B 355 16.55 -16.73 3.74
CA ALA B 355 15.46 -16.45 2.83
C ALA B 355 15.68 -15.12 2.12
N ARG B 356 16.23 -14.14 2.83
CA ARG B 356 16.59 -12.90 2.16
C ARG B 356 17.54 -13.16 1.00
N THR B 357 18.64 -13.85 1.28
CA THR B 357 19.61 -14.13 0.23
C THR B 357 18.98 -14.93 -0.90
N GLY B 358 18.10 -15.87 -0.57
CA GLY B 358 17.44 -16.63 -1.62
C GLY B 358 16.54 -15.76 -2.47
N SER B 359 15.93 -14.74 -1.85
CA SER B 359 15.18 -13.77 -2.63
C SER B 359 16.10 -13.03 -3.59
N ARG B 360 17.25 -12.58 -3.07
CA ARG B 360 18.25 -11.99 -3.94
C ARG B 360 18.57 -12.92 -5.11
N GLN B 361 18.66 -14.23 -4.81
CA GLN B 361 19.06 -15.18 -5.83
C GLN B 361 17.97 -15.35 -6.88
N MET B 362 16.82 -15.85 -6.45
CA MET B 362 15.67 -16.02 -7.33
C MET B 362 15.32 -14.74 -8.06
N GLN B 363 15.76 -13.60 -7.55
CA GLN B 363 15.56 -12.33 -8.24
C GLN B 363 16.24 -12.34 -9.60
N ALA B 364 17.23 -13.21 -9.80
CA ALA B 364 17.95 -13.22 -11.06
C ALA B 364 17.60 -14.43 -11.91
N LEU B 365 16.34 -14.86 -11.87
CA LEU B 365 15.93 -16.02 -12.65
C LEU B 365 14.60 -15.81 -13.36
N THR B 366 14.30 -14.61 -13.84
CA THR B 366 13.00 -14.31 -14.42
C THR B 366 12.65 -15.15 -15.64
N PRO B 367 13.41 -15.16 -16.73
CA PRO B 367 12.87 -15.71 -17.97
C PRO B 367 12.75 -17.22 -17.92
N ALA B 368 11.53 -17.72 -17.72
CA ALA B 368 11.17 -19.13 -17.75
C ALA B 368 12.00 -19.98 -16.80
N GLN B 369 12.83 -19.39 -15.94
CA GLN B 369 13.65 -20.19 -15.04
C GLN B 369 12.86 -20.62 -13.82
N ARG B 370 12.34 -19.66 -13.06
CA ARG B 370 11.40 -19.98 -12.01
C ARG B 370 10.20 -20.73 -12.55
N ALA B 371 9.83 -20.46 -13.81
CA ALA B 371 8.74 -21.19 -14.44
C ALA B 371 9.11 -22.67 -14.58
N SER B 372 10.32 -22.95 -15.05
CA SER B 372 10.78 -24.33 -15.09
C SER B 372 10.76 -24.94 -13.69
N ALA B 373 11.16 -24.16 -12.69
CA ALA B 373 11.16 -24.65 -11.32
C ALA B 373 9.77 -25.08 -10.89
N VAL B 374 8.78 -24.21 -11.08
CA VAL B 374 7.45 -24.53 -10.59
C VAL B 374 6.80 -25.63 -11.42
N ASN B 375 7.05 -25.67 -12.73
CA ASN B 375 6.46 -26.74 -13.51
C ASN B 375 7.09 -28.08 -13.15
N THR B 376 8.38 -28.09 -12.82
CA THR B 376 8.98 -29.31 -12.32
C THR B 376 8.42 -29.68 -10.96
N LEU B 377 8.12 -28.68 -10.13
CA LEU B 377 7.44 -28.93 -8.87
C LEU B 377 6.10 -29.59 -9.10
N ALA B 378 5.34 -29.11 -10.09
CA ALA B 378 4.06 -29.74 -10.41
C ALA B 378 4.27 -31.17 -10.90
N ASP B 379 5.29 -31.38 -11.72
CA ASP B 379 5.67 -32.72 -12.16
C ASP B 379 5.83 -33.65 -10.96
N LEU B 380 6.57 -33.22 -9.95
CA LEU B 380 6.83 -34.09 -8.83
C LEU B 380 5.60 -34.23 -7.93
N LEU B 381 4.83 -33.14 -7.78
CA LEU B 381 3.60 -33.20 -7.02
C LEU B 381 2.60 -34.17 -7.64
N VAL B 382 2.65 -34.36 -8.95
CA VAL B 382 1.73 -35.29 -9.58
C VAL B 382 2.34 -36.67 -9.79
N SER B 383 3.66 -36.80 -9.67
CA SER B 383 4.34 -38.04 -10.02
C SER B 383 4.81 -38.85 -8.82
N ARG B 384 5.08 -38.22 -7.68
CA ARG B 384 5.61 -38.91 -6.52
C ARG B 384 4.61 -38.86 -5.37
N GLU B 385 3.33 -38.91 -5.70
CA GLU B 385 2.29 -38.66 -4.71
C GLU B 385 2.28 -39.69 -3.58
N LYS B 386 2.82 -40.89 -3.83
CA LYS B 386 2.76 -41.98 -2.86
C LYS B 386 3.20 -41.51 -1.47
N PHE B 387 4.41 -40.95 -1.40
CA PHE B 387 4.95 -40.38 -0.17
C PHE B 387 3.92 -39.49 0.51
N ILE B 388 3.32 -38.59 -0.27
CA ILE B 388 2.48 -37.57 0.32
C ILE B 388 1.25 -38.16 0.96
N LEU B 389 0.47 -38.96 0.23
CA LEU B 389 -0.79 -39.40 0.82
C LEU B 389 -0.52 -40.44 1.90
N ASP B 390 0.57 -41.19 1.80
CA ASP B 390 0.82 -42.10 2.93
C ASP B 390 1.10 -41.31 4.21
N ALA B 391 1.92 -40.26 4.11
CA ALA B 391 2.12 -39.41 5.28
C ALA B 391 0.81 -38.84 5.78
N ASN B 392 -0.02 -38.34 4.86
CA ASN B 392 -1.31 -37.75 5.27
C ASN B 392 -2.20 -38.79 5.94
N ALA B 393 -2.26 -39.99 5.40
CA ALA B 393 -3.06 -41.04 6.02
C ALA B 393 -2.58 -41.30 7.44
N LYS B 394 -1.26 -41.39 7.60
CA LYS B 394 -0.71 -41.59 8.93
C LYS B 394 -1.17 -40.49 9.89
N ASP B 395 -0.93 -39.23 9.51
CA ASP B 395 -1.19 -38.15 10.44
C ASP B 395 -2.68 -37.95 10.67
N LEU B 396 -3.50 -38.19 9.64
CA LEU B 396 -4.94 -38.03 9.79
C LEU B 396 -5.51 -39.13 10.67
N ALA B 397 -5.04 -40.36 10.51
CA ALA B 397 -5.43 -41.41 11.44
C ALA B 397 -5.05 -41.03 12.85
N GLU B 398 -3.89 -40.42 13.02
CA GLU B 398 -3.48 -40.00 14.35
C GLU B 398 -4.38 -38.89 14.88
N ALA B 399 -4.85 -38.02 14.00
CA ALA B 399 -5.56 -36.82 14.44
C ALA B 399 -7.06 -37.05 14.63
N GLN B 400 -7.63 -38.06 13.97
CA GLN B 400 -9.07 -38.27 14.09
C GLN B 400 -9.46 -38.58 15.53
N LYS B 401 -8.64 -39.38 16.22
CA LYS B 401 -8.92 -39.71 17.61
C LYS B 401 -9.01 -38.45 18.47
N SER B 402 -8.24 -37.41 18.11
CA SER B 402 -8.42 -36.12 18.74
C SER B 402 -9.79 -35.54 18.41
N GLY B 403 -10.14 -35.46 17.13
CA GLY B 403 -11.42 -34.93 16.72
C GLY B 403 -11.70 -33.57 17.29
N LEU B 404 -10.83 -32.60 17.00
CA LEU B 404 -10.97 -31.26 17.56
C LEU B 404 -12.29 -30.62 17.16
N ALA B 405 -12.47 -30.36 15.87
CA ALA B 405 -13.66 -29.66 15.41
C ALA B 405 -13.98 -30.05 13.98
N LYS B 406 -15.26 -29.95 13.63
CA LYS B 406 -15.69 -30.31 12.29
C LYS B 406 -14.90 -29.61 11.18
N PRO B 407 -14.70 -28.28 11.20
CA PRO B 407 -14.04 -27.66 10.04
C PRO B 407 -12.68 -28.23 9.73
N LEU B 408 -11.78 -28.28 10.71
CA LEU B 408 -10.44 -28.79 10.47
C LEU B 408 -10.47 -30.27 10.12
N LEU B 409 -11.05 -31.09 11.02
CA LEU B 409 -11.18 -32.52 10.83
C LEU B 409 -11.75 -32.89 9.47
N SER B 410 -12.50 -31.99 8.86
CA SER B 410 -13.05 -32.21 7.53
C SER B 410 -12.15 -31.67 6.43
N ARG B 411 -11.49 -30.54 6.66
CA ARG B 411 -10.80 -29.85 5.58
C ARG B 411 -9.37 -30.32 5.38
N LEU B 412 -8.75 -30.88 6.41
CA LEU B 412 -7.34 -31.21 6.29
C LEU B 412 -7.06 -32.42 5.41
N SER B 413 -8.05 -33.20 4.99
CA SER B 413 -7.76 -34.40 4.23
C SER B 413 -7.25 -34.06 2.84
N LEU B 414 -7.00 -35.09 2.04
CA LEU B 414 -6.45 -34.89 0.71
C LEU B 414 -6.76 -36.11 -0.15
N ASN B 415 -6.93 -35.89 -1.45
CA ASN B 415 -7.27 -36.93 -2.40
C ASN B 415 -6.58 -36.69 -3.72
N PRO B 416 -6.34 -37.75 -4.49
CA PRO B 416 -5.67 -37.58 -5.79
C PRO B 416 -6.37 -36.57 -6.69
N ALA B 417 -7.69 -36.41 -6.55
CA ALA B 417 -8.39 -35.37 -7.30
C ALA B 417 -7.85 -34.00 -6.94
N LYS B 418 -7.67 -33.74 -5.64
CA LYS B 418 -7.10 -32.46 -5.22
C LYS B 418 -5.68 -32.30 -5.75
N LEU B 419 -4.93 -33.39 -5.84
CA LEU B 419 -3.58 -33.31 -6.38
C LEU B 419 -3.61 -32.89 -7.84
N LYS B 420 -4.49 -33.50 -8.64
CA LYS B 420 -4.59 -33.11 -10.04
C LYS B 420 -5.01 -31.66 -10.17
N ASN B 421 -5.99 -31.24 -9.36
CA ASN B 421 -6.43 -29.86 -9.40
C ASN B 421 -5.28 -28.90 -9.10
N LEU B 422 -4.53 -29.18 -8.04
CA LEU B 422 -3.40 -28.33 -7.70
C LEU B 422 -2.37 -28.33 -8.82
N SER B 423 -2.12 -29.49 -9.42
CA SER B 423 -1.12 -29.57 -10.48
C SER B 423 -1.51 -28.68 -11.64
N VAL B 424 -2.77 -28.74 -12.06
CA VAL B 424 -3.18 -27.96 -13.20
C VAL B 424 -3.20 -26.47 -12.86
N GLY B 425 -3.62 -26.11 -11.65
CA GLY B 425 -3.59 -24.71 -11.27
C GLY B 425 -2.18 -24.17 -11.21
N LEU B 426 -1.23 -25.00 -10.77
CA LEU B 426 0.15 -24.56 -10.71
C LEU B 426 0.73 -24.41 -12.11
N LYS B 427 0.41 -25.33 -13.01
CA LYS B 427 0.86 -25.18 -14.38
C LYS B 427 0.29 -23.91 -15.02
N GLN B 428 -0.96 -23.59 -14.68
CA GLN B 428 -1.55 -22.33 -15.15
C GLN B 428 -0.78 -21.13 -14.62
N ILE B 429 -0.50 -21.12 -13.32
CA ILE B 429 0.27 -20.03 -12.73
C ILE B 429 1.61 -19.90 -13.43
N ALA B 430 2.27 -21.03 -13.66
CA ALA B 430 3.57 -21.03 -14.31
C ALA B 430 3.50 -20.43 -15.71
N GLU B 431 2.49 -20.82 -16.49
CA GLU B 431 2.44 -20.33 -17.86
C GLU B 431 2.10 -18.85 -17.91
N ASP B 432 1.20 -18.38 -17.05
CA ASP B 432 0.70 -17.03 -17.20
C ASP B 432 1.47 -16.02 -16.34
N SER B 433 2.40 -16.47 -15.52
CA SER B 433 3.09 -15.60 -14.58
C SER B 433 4.53 -15.36 -15.01
N HIS B 434 4.75 -15.24 -16.31
CA HIS B 434 6.11 -15.15 -16.84
C HIS B 434 6.71 -13.75 -16.74
N LYS B 435 5.90 -12.72 -16.53
CA LYS B 435 6.39 -11.35 -16.51
C LYS B 435 5.91 -10.62 -15.27
N ASN B 436 5.97 -11.29 -14.13
CA ASN B 436 5.63 -10.64 -12.86
C ASN B 436 6.60 -9.54 -12.50
N VAL B 437 7.89 -9.82 -12.49
CA VAL B 437 8.90 -8.90 -11.99
C VAL B 437 9.65 -8.29 -13.17
N GLY B 438 9.88 -6.98 -13.09
CA GLY B 438 10.63 -6.28 -14.10
C GLY B 438 9.82 -5.49 -15.08
N ARG B 439 8.50 -5.39 -14.88
CA ARG B 439 7.68 -4.63 -15.80
C ARG B 439 7.79 -3.14 -15.50
N VAL B 440 7.93 -2.35 -16.55
CA VAL B 440 8.15 -0.92 -16.41
C VAL B 440 6.83 -0.24 -16.11
N LEU B 441 6.92 0.89 -15.42
CA LEU B 441 5.74 1.67 -15.07
C LEU B 441 5.83 3.12 -15.49
N ARG B 442 6.99 3.74 -15.37
CA ARG B 442 7.21 5.09 -15.86
C ARG B 442 8.52 5.13 -16.61
N ARG B 443 8.51 5.85 -17.72
CA ARG B 443 9.69 6.03 -18.54
C ARG B 443 9.76 7.49 -18.94
N THR B 444 10.46 8.29 -18.14
CA THR B 444 10.59 9.72 -18.38
C THR B 444 12.06 10.10 -18.51
N ARG B 445 12.34 10.93 -19.50
CA ARG B 445 13.66 11.51 -19.70
C ARG B 445 13.64 12.94 -19.18
N LEU B 446 14.39 13.21 -18.12
CA LEU B 446 14.42 14.56 -17.56
C LEU B 446 15.23 15.53 -18.40
N ALA B 447 16.34 15.05 -18.98
CA ALA B 447 17.12 15.87 -19.89
C ALA B 447 17.94 14.96 -20.77
N ASP B 448 18.81 15.56 -21.57
CA ASP B 448 19.62 14.83 -22.54
C ASP B 448 20.32 13.63 -21.92
N GLN B 449 20.02 12.45 -22.44
CA GLN B 449 20.63 11.19 -22.00
C GLN B 449 20.48 11.02 -20.48
N LEU B 450 19.22 11.05 -20.04
CA LEU B 450 18.93 10.83 -18.62
C LEU B 450 17.51 10.28 -18.54
N GLU B 451 17.39 8.99 -18.25
CA GLU B 451 16.10 8.30 -18.29
C GLU B 451 15.77 7.77 -16.91
N LEU B 452 14.96 8.51 -16.18
CA LEU B 452 14.38 7.98 -14.95
C LEU B 452 13.30 6.96 -15.28
N LYS B 453 13.32 5.84 -14.56
CA LYS B 453 12.29 4.84 -14.78
C LYS B 453 11.96 4.18 -13.45
N GLN B 454 10.70 3.81 -13.29
CA GLN B 454 10.21 3.11 -12.11
C GLN B 454 9.74 1.72 -12.53
N VAL B 455 10.29 0.69 -11.89
CA VAL B 455 9.93 -0.66 -12.25
C VAL B 455 9.47 -1.44 -11.04
N THR B 456 8.79 -2.56 -11.27
CA THR B 456 8.27 -3.42 -10.22
C THR B 456 9.40 -4.14 -9.53
N VAL B 457 9.14 -4.62 -8.33
CA VAL B 457 10.18 -5.28 -7.57
C VAL B 457 9.59 -6.32 -6.64
N PRO B 458 10.27 -7.44 -6.42
CA PRO B 458 9.87 -8.35 -5.34
C PRO B 458 9.84 -7.65 -4.00
N ILE B 459 9.11 -8.22 -3.04
CA ILE B 459 8.89 -7.59 -1.76
C ILE B 459 9.89 -8.07 -0.72
N GLY B 460 9.99 -9.39 -0.54
CA GLY B 460 10.97 -9.93 0.37
C GLY B 460 10.47 -11.11 1.16
N VAL B 461 10.61 -11.05 2.48
CA VAL B 461 10.31 -12.19 3.34
C VAL B 461 8.84 -12.09 3.71
N LEU B 462 8.01 -12.83 3.00
CA LEU B 462 6.60 -12.89 3.34
C LEU B 462 6.40 -13.84 4.51
N LEU B 463 5.21 -13.80 5.09
CA LEU B 463 4.84 -14.73 6.14
C LEU B 463 3.42 -15.20 5.90
N VAL B 464 3.25 -16.51 5.82
CA VAL B 464 1.95 -17.11 5.57
C VAL B 464 1.52 -17.89 6.80
N ILE B 465 0.31 -17.64 7.27
CA ILE B 465 -0.21 -18.27 8.48
C ILE B 465 -1.57 -18.85 8.15
N PHE B 466 -1.80 -20.10 8.58
CA PHE B 466 -3.01 -20.80 8.22
C PHE B 466 -3.19 -22.01 9.12
N GLU B 467 -4.44 -22.42 9.30
CA GLU B 467 -4.75 -23.65 9.99
C GLU B 467 -4.48 -24.85 9.09
N SER B 468 -4.88 -26.03 9.57
CA SER B 468 -4.62 -27.25 8.82
C SER B 468 -5.20 -27.16 7.42
N ARG B 469 -4.32 -27.01 6.45
CA ARG B 469 -4.71 -26.86 5.06
C ARG B 469 -3.57 -27.36 4.19
N PRO B 470 -3.24 -28.64 4.25
CA PRO B 470 -2.13 -29.16 3.43
C PRO B 470 -2.27 -28.86 1.96
N ASP B 471 -3.49 -28.60 1.51
CA ASP B 471 -3.72 -28.14 0.16
C ASP B 471 -3.23 -26.72 -0.06
N SER B 472 -3.24 -25.89 0.98
CA SER B 472 -2.94 -24.47 0.78
C SER B 472 -1.47 -24.28 0.41
N LEU B 473 -0.57 -24.81 1.23
CA LEU B 473 0.87 -24.57 1.10
C LEU B 473 1.38 -24.57 -0.34
N PRO B 474 1.09 -25.56 -1.18
CA PRO B 474 1.62 -25.51 -2.55
C PRO B 474 1.10 -24.32 -3.33
N GLN B 475 -0.15 -23.93 -3.15
CA GLN B 475 -0.68 -22.76 -3.84
C GLN B 475 0.16 -21.52 -3.53
N VAL B 476 0.27 -21.20 -2.24
CA VAL B 476 1.01 -20.01 -1.83
C VAL B 476 2.47 -20.12 -2.23
N ALA B 477 3.04 -21.32 -2.14
CA ALA B 477 4.45 -21.46 -2.49
C ALA B 477 4.68 -21.22 -3.96
N ALA B 478 3.79 -21.76 -4.80
CA ALA B 478 3.86 -21.46 -6.21
C ALA B 478 3.73 -19.97 -6.46
N LEU B 479 2.84 -19.31 -5.72
CA LEU B 479 2.70 -17.87 -5.90
C LEU B 479 3.99 -17.14 -5.56
N ALA B 480 4.61 -17.51 -4.44
CA ALA B 480 5.88 -16.91 -4.06
C ALA B 480 6.93 -17.12 -5.15
N MET B 481 7.12 -18.38 -5.55
CA MET B 481 8.06 -18.67 -6.63
C MET B 481 7.72 -17.93 -7.90
N ALA B 482 6.45 -17.57 -8.10
CA ALA B 482 6.03 -16.73 -9.22
C ALA B 482 6.28 -15.27 -8.96
N SER B 483 6.56 -14.91 -7.72
CA SER B 483 6.97 -13.57 -7.35
C SER B 483 8.41 -13.52 -6.88
N ALA B 484 9.14 -14.62 -6.98
CA ALA B 484 10.58 -14.67 -6.76
C ALA B 484 10.99 -14.13 -5.40
N ASN B 485 10.03 -13.86 -4.54
CA ASN B 485 10.30 -13.26 -3.25
C ASN B 485 10.34 -14.33 -2.18
N GLY B 486 11.02 -14.01 -1.09
CA GLY B 486 11.10 -14.93 0.03
C GLY B 486 9.74 -15.20 0.62
N LEU B 487 9.66 -16.29 1.36
CA LEU B 487 8.39 -16.68 1.95
C LEU B 487 8.64 -17.57 3.15
N LEU B 488 7.90 -17.32 4.21
CA LEU B 488 7.95 -18.15 5.40
C LEU B 488 6.64 -18.90 5.52
N LEU B 489 6.63 -19.97 6.31
CA LEU B 489 5.48 -20.84 6.39
C LEU B 489 5.21 -21.20 7.85
N LYS B 490 3.94 -21.27 8.18
CA LYS B 490 3.55 -21.70 9.53
C LYS B 490 2.13 -22.19 9.47
N GLY B 491 1.95 -23.49 9.71
CA GLY B 491 0.62 -24.06 9.84
C GLY B 491 0.20 -24.12 11.28
N GLY B 492 -0.30 -25.27 11.72
CA GLY B 492 -0.71 -25.47 13.09
C GLY B 492 -0.22 -26.80 13.61
N LYS B 493 -0.83 -27.24 14.70
CA LYS B 493 -0.49 -28.50 15.36
C LYS B 493 -0.58 -29.69 14.43
N GLU B 494 -1.50 -29.64 13.48
CA GLU B 494 -1.86 -30.83 12.72
C GLU B 494 -1.10 -30.86 11.40
N ALA B 495 -1.32 -31.92 10.64
CA ALA B 495 -0.74 -32.12 9.31
C ALA B 495 0.78 -32.12 9.34
N ALA B 496 1.34 -32.19 10.55
CA ALA B 496 2.77 -31.94 10.75
C ALA B 496 3.61 -32.71 9.75
N HIS B 497 3.43 -34.03 9.72
CA HIS B 497 4.21 -34.86 8.81
C HIS B 497 3.97 -34.47 7.36
N SER B 498 2.73 -34.15 7.02
CA SER B 498 2.44 -33.76 5.65
C SER B 498 3.08 -32.42 5.32
N ASN B 499 3.06 -31.49 6.27
CA ASN B 499 3.79 -30.25 6.07
C ASN B 499 5.25 -30.54 5.77
N LYS B 500 5.85 -31.42 6.57
CA LYS B 500 7.23 -31.80 6.34
C LYS B 500 7.41 -32.37 4.95
N ALA B 501 6.54 -33.28 4.55
CA ALA B 501 6.68 -33.96 3.28
C ALA B 501 6.62 -32.97 2.13
N LEU B 502 5.61 -32.10 2.16
CA LEU B 502 5.48 -31.11 1.09
C LEU B 502 6.64 -30.14 1.11
N MET B 503 7.13 -29.78 2.29
CA MET B 503 8.33 -28.97 2.38
C MET B 503 9.49 -29.64 1.66
N GLU B 504 9.71 -30.92 1.95
CA GLU B 504 10.80 -31.64 1.30
C GLU B 504 10.61 -31.67 -0.20
N LEU B 505 9.39 -31.92 -0.65
CA LEU B 505 9.14 -32.00 -2.08
C LEU B 505 9.44 -30.68 -2.76
N VAL B 506 8.93 -29.58 -2.20
CA VAL B 506 9.14 -28.30 -2.84
C VAL B 506 10.60 -27.90 -2.74
N LYS B 507 11.30 -28.30 -1.68
CA LYS B 507 12.71 -27.96 -1.58
C LYS B 507 13.53 -28.74 -2.60
N GLU B 508 13.15 -30.00 -2.86
CA GLU B 508 13.82 -30.76 -3.90
C GLU B 508 13.58 -30.13 -5.26
N ALA B 509 12.33 -29.78 -5.54
CA ALA B 509 12.02 -29.09 -6.79
C ALA B 509 12.80 -27.78 -6.89
N LEU B 510 13.04 -27.14 -5.76
CA LEU B 510 13.82 -25.91 -5.75
C LEU B 510 15.27 -26.16 -6.09
N ALA B 511 15.94 -27.02 -5.32
CA ALA B 511 17.38 -27.18 -5.41
C ALA B 511 17.87 -27.45 -6.81
N THR B 512 16.99 -27.89 -7.71
CA THR B 512 17.36 -28.06 -9.11
C THR B 512 17.83 -26.74 -9.71
N VAL B 513 16.97 -25.73 -9.70
CA VAL B 513 17.28 -24.44 -10.30
C VAL B 513 17.39 -23.41 -9.20
N GLY B 514 18.38 -22.54 -9.32
CA GLY B 514 18.62 -21.54 -8.30
C GLY B 514 19.59 -22.04 -7.25
N ALA B 515 19.44 -23.33 -6.90
CA ALA B 515 20.35 -24.00 -5.99
C ALA B 515 20.36 -23.33 -4.61
N GLU B 516 19.44 -22.39 -4.40
CA GLU B 516 19.37 -21.65 -3.15
C GLU B 516 17.92 -21.67 -2.68
N HIS B 517 17.70 -22.09 -1.45
CA HIS B 517 16.34 -22.23 -0.94
C HIS B 517 16.00 -21.04 -0.06
N ALA B 518 15.03 -20.25 -0.52
CA ALA B 518 14.39 -19.23 0.30
C ALA B 518 12.96 -19.68 0.51
N VAL B 519 12.79 -20.60 1.45
CA VAL B 519 11.49 -21.13 1.86
C VAL B 519 11.74 -21.98 3.07
N SER B 520 10.79 -21.99 3.99
CA SER B 520 11.02 -22.78 5.19
C SER B 520 9.69 -23.17 5.82
N LEU B 521 9.78 -23.67 7.03
CA LEU B 521 8.66 -23.99 7.90
C LEU B 521 9.21 -23.98 9.30
N VAL B 522 8.33 -23.86 10.28
CA VAL B 522 8.74 -23.76 11.66
C VAL B 522 8.09 -24.87 12.48
N SER B 523 8.56 -25.01 13.72
CA SER B 523 8.08 -26.03 14.64
C SER B 523 6.75 -25.63 15.25
N THR B 524 6.39 -26.24 16.36
CA THR B 524 5.03 -26.15 16.89
C THR B 524 4.69 -24.74 17.38
N ARG B 525 4.10 -23.95 16.49
CA ARG B 525 3.40 -22.70 16.80
C ARG B 525 4.34 -21.59 17.23
N GLU B 526 5.58 -21.96 17.59
CA GLU B 526 6.72 -21.08 17.74
C GLU B 526 6.34 -19.74 18.36
N GLU B 527 5.31 -19.77 19.20
CA GLU B 527 4.82 -18.61 19.95
C GLU B 527 4.71 -17.40 19.01
N ILE B 528 3.82 -17.56 18.03
CA ILE B 528 3.74 -16.73 16.84
C ILE B 528 3.84 -15.24 17.16
N SER B 529 3.41 -14.85 18.35
CA SER B 529 3.62 -13.46 18.77
C SER B 529 5.08 -13.07 18.65
N ASP B 530 5.98 -13.98 19.02
CA ASP B 530 7.40 -13.77 18.78
C ASP B 530 7.68 -13.54 17.30
N LEU B 531 7.35 -14.53 16.48
CA LEU B 531 7.68 -14.47 15.07
C LEU B 531 7.13 -13.20 14.44
N LEU B 532 6.01 -12.71 14.97
CA LEU B 532 5.45 -11.45 14.50
C LEU B 532 6.29 -10.27 14.96
N SER B 533 6.72 -10.28 16.22
CA SER B 533 7.52 -9.17 16.74
C SER B 533 8.78 -8.95 15.93
N MET B 534 9.26 -9.98 15.25
CA MET B 534 10.37 -9.82 14.34
C MET B 534 10.03 -8.75 13.30
N GLU B 535 11.07 -8.10 12.81
CA GLU B 535 10.88 -6.97 11.92
C GLU B 535 12.19 -6.72 11.19
N ASN B 536 12.13 -5.91 10.13
CA ASN B 536 13.25 -5.69 9.23
C ASN B 536 13.58 -6.95 8.44
N HIS B 537 12.91 -8.05 8.74
CA HIS B 537 13.03 -9.25 7.93
C HIS B 537 11.74 -9.52 7.17
N ILE B 538 10.64 -9.66 7.88
CA ILE B 538 9.35 -10.01 7.31
C ILE B 538 8.65 -8.72 6.89
N ASP B 539 7.86 -8.83 5.83
CA ASP B 539 7.31 -7.64 5.20
C ASP B 539 5.81 -7.55 5.35
N LEU B 540 5.08 -8.54 4.87
CA LEU B 540 3.62 -8.52 4.87
C LEU B 540 3.13 -9.80 5.51
N ILE B 541 2.03 -9.71 6.26
CA ILE B 541 1.46 -10.88 6.90
C ILE B 541 0.28 -11.34 6.08
N ILE B 542 0.23 -12.63 5.77
CA ILE B 542 -0.89 -13.19 5.03
C ILE B 542 -1.53 -14.31 5.84
N PRO B 543 -2.49 -14.02 6.70
CA PRO B 543 -3.20 -15.09 7.39
C PRO B 543 -4.15 -15.80 6.45
N ARG B 544 -4.35 -17.08 6.69
CA ARG B 544 -5.20 -17.88 5.81
C ARG B 544 -6.11 -18.84 6.55
N GLY B 545 -6.05 -18.93 7.87
CA GLY B 545 -6.86 -19.93 8.54
C GLY B 545 -8.34 -19.66 8.44
N SER B 546 -8.83 -18.66 9.14
CA SER B 546 -10.24 -18.28 9.12
C SER B 546 -10.41 -17.02 9.95
N SER B 547 -11.66 -16.57 10.07
CA SER B 547 -11.96 -15.29 10.70
C SER B 547 -11.40 -15.22 12.12
N ASP B 548 -11.60 -16.27 12.90
CA ASP B 548 -10.99 -16.34 14.23
C ASP B 548 -9.50 -16.05 14.15
N LEU B 549 -8.81 -16.74 13.25
CA LEU B 549 -7.36 -16.63 13.20
C LEU B 549 -6.93 -15.27 12.69
N VAL B 550 -7.59 -14.79 11.63
CA VAL B 550 -7.20 -13.49 11.09
C VAL B 550 -7.48 -12.39 12.10
N ARG B 551 -8.51 -12.55 12.91
CA ARG B 551 -8.79 -11.54 13.92
C ARG B 551 -7.78 -11.62 15.05
N SER B 552 -7.38 -12.85 15.41
CA SER B 552 -6.26 -13.01 16.33
C SER B 552 -5.05 -12.23 15.83
N ILE B 553 -4.75 -12.35 14.55
CA ILE B 553 -3.65 -11.61 13.97
C ILE B 553 -3.90 -10.12 14.12
N GLN B 554 -5.08 -9.67 13.67
CA GLN B 554 -5.43 -8.26 13.73
C GLN B 554 -5.20 -7.67 15.10
N GLN B 555 -5.57 -8.41 16.14
CA GLN B 555 -5.30 -7.94 17.50
C GLN B 555 -3.81 -7.96 17.79
N GLN B 556 -3.12 -9.00 17.32
CA GLN B 556 -1.69 -9.06 17.52
C GLN B 556 -0.94 -8.10 16.60
N SER B 557 -1.43 -7.92 15.39
CA SER B 557 -0.69 -7.22 14.34
C SER B 557 -0.38 -5.80 14.80
N LEU B 558 0.91 -5.50 14.94
CA LEU B 558 1.37 -4.17 15.28
C LEU B 558 2.75 -3.95 14.69
N HIS B 559 2.98 -2.76 14.13
CA HIS B 559 4.27 -2.36 13.59
C HIS B 559 4.72 -3.32 12.48
N ILE B 560 3.76 -3.84 11.73
CA ILE B 560 4.04 -4.70 10.60
C ILE B 560 2.81 -4.74 9.70
N PRO B 561 2.94 -4.40 8.41
CA PRO B 561 1.76 -4.31 7.54
C PRO B 561 1.07 -5.66 7.43
N VAL B 562 -0.23 -5.62 7.12
CA VAL B 562 -1.09 -6.79 7.22
C VAL B 562 -1.97 -6.85 5.98
N LEU B 563 -2.06 -8.03 5.38
CA LEU B 563 -3.06 -8.28 4.37
C LEU B 563 -4.25 -9.02 5.01
N GLY B 564 -5.36 -9.06 4.29
CA GLY B 564 -6.52 -9.82 4.71
C GLY B 564 -7.63 -8.93 5.25
N HIS B 565 -8.74 -9.57 5.55
CA HIS B 565 -9.92 -8.91 6.08
C HIS B 565 -10.21 -9.43 7.47
N ALA B 566 -11.22 -8.85 8.11
CA ALA B 566 -11.63 -9.27 9.45
C ALA B 566 -13.09 -9.66 9.55
N GLU B 567 -13.98 -8.98 8.84
CA GLU B 567 -15.37 -9.39 8.75
C GLU B 567 -15.73 -9.54 7.28
N GLY B 568 -16.89 -10.12 7.03
CA GLY B 568 -17.37 -10.26 5.68
C GLY B 568 -18.76 -9.70 5.53
N VAL B 569 -19.03 -8.58 6.20
CA VAL B 569 -20.39 -8.07 6.26
C VAL B 569 -20.74 -7.45 4.94
N CYS B 570 -21.36 -8.22 4.06
CA CYS B 570 -21.81 -7.71 2.77
C CYS B 570 -23.10 -6.93 2.98
N HIS B 571 -23.72 -6.50 1.88
CA HIS B 571 -24.97 -5.77 1.98
C HIS B 571 -25.66 -5.81 0.64
N VAL B 572 -26.98 -5.93 0.68
CA VAL B 572 -27.80 -5.97 -0.54
C VAL B 572 -28.96 -5.01 -0.33
N TYR B 573 -29.20 -4.16 -1.31
CA TYR B 573 -30.33 -3.25 -1.26
C TYR B 573 -31.25 -3.55 -2.43
N ILE B 574 -32.53 -3.31 -2.24
CA ILE B 574 -33.52 -3.44 -3.30
C ILE B 574 -34.20 -2.10 -3.48
N ASP B 575 -34.29 -1.63 -4.72
CA ASP B 575 -35.07 -0.44 -4.97
C ASP B 575 -36.48 -0.81 -5.41
N ARG B 576 -37.35 0.20 -5.40
CA ARG B 576 -38.71 0.07 -5.87
C ARG B 576 -38.81 -0.16 -7.38
N ASP B 577 -37.70 -0.33 -8.07
CA ASP B 577 -37.69 -0.47 -9.52
C ASP B 577 -36.92 -1.71 -9.94
N ALA B 578 -37.22 -2.84 -9.32
CA ALA B 578 -36.58 -4.10 -9.64
C ALA B 578 -37.61 -5.22 -9.70
N ASP B 579 -37.43 -6.11 -10.66
CA ASP B 579 -38.31 -7.27 -10.76
C ASP B 579 -38.18 -8.14 -9.52
N LEU B 580 -39.32 -8.69 -9.11
CA LEU B 580 -39.38 -9.44 -7.86
C LEU B 580 -38.47 -10.66 -7.92
N GLU B 581 -38.80 -11.60 -8.82
CA GLU B 581 -38.08 -12.87 -8.84
C GLU B 581 -36.60 -12.67 -9.12
N LYS B 582 -36.24 -11.58 -9.78
CA LYS B 582 -34.84 -11.22 -9.90
C LYS B 582 -34.21 -11.12 -8.52
N ALA B 583 -34.78 -10.25 -7.68
CA ALA B 583 -34.27 -10.12 -6.32
C ALA B 583 -34.33 -11.45 -5.60
N LEU B 584 -35.38 -12.22 -5.85
CA LEU B 584 -35.53 -13.50 -5.17
C LEU B 584 -34.35 -14.41 -5.46
N ARG B 585 -34.15 -14.75 -6.73
CA ARG B 585 -33.03 -15.61 -7.09
C ARG B 585 -31.70 -14.99 -6.69
N ILE B 586 -31.60 -13.66 -6.68
CA ILE B 586 -30.37 -13.03 -6.24
C ILE B 586 -30.07 -13.39 -4.80
N ALA B 587 -31.03 -13.15 -3.90
CA ALA B 587 -30.82 -13.49 -2.51
C ALA B 587 -30.58 -14.98 -2.36
N ARG B 588 -31.31 -15.78 -3.14
CA ARG B 588 -31.16 -17.22 -3.08
C ARG B 588 -29.72 -17.63 -3.31
N ASP B 589 -29.16 -17.24 -4.46
CA ASP B 589 -27.77 -17.54 -4.76
C ASP B 589 -26.81 -16.87 -3.80
N ALA B 590 -27.09 -15.65 -3.35
CA ALA B 590 -26.12 -14.89 -2.59
C ALA B 590 -25.99 -15.43 -1.18
N LYS B 591 -27.01 -16.13 -0.69
CA LYS B 591 -26.93 -16.68 0.65
C LYS B 591 -26.77 -18.19 0.68
N CYS B 592 -27.49 -18.92 -0.16
CA CYS B 592 -27.55 -20.38 -0.07
C CYS B 592 -26.54 -21.06 -0.98
N ASP B 593 -25.41 -20.41 -1.25
CA ASP B 593 -24.34 -21.05 -2.02
C ASP B 593 -23.22 -21.55 -1.13
N TYR B 594 -22.64 -20.68 -0.31
CA TYR B 594 -21.59 -21.07 0.62
C TYR B 594 -21.77 -20.22 1.86
N PRO B 595 -22.66 -20.63 2.76
CA PRO B 595 -22.94 -19.79 3.94
C PRO B 595 -21.71 -19.43 4.72
N ALA B 596 -20.81 -20.38 4.94
CA ALA B 596 -19.62 -20.11 5.73
C ALA B 596 -18.61 -19.23 5.00
N ALA B 597 -18.83 -18.95 3.71
CA ALA B 597 -17.88 -18.14 2.98
C ALA B 597 -17.85 -16.73 3.54
N CYS B 598 -16.76 -16.03 3.26
CA CYS B 598 -16.56 -14.71 3.86
C CYS B 598 -17.29 -13.61 3.12
N ASN B 599 -17.40 -13.71 1.80
CA ASN B 599 -18.00 -12.65 1.01
C ASN B 599 -19.45 -13.00 0.70
N ALA B 600 -20.07 -13.75 1.60
CA ALA B 600 -21.46 -14.10 1.46
C ALA B 600 -22.33 -13.07 2.17
N MET B 601 -23.43 -12.69 1.53
CA MET B 601 -24.30 -11.68 2.09
C MET B 601 -24.84 -12.13 3.44
N GLU B 602 -24.86 -11.20 4.40
CA GLU B 602 -25.40 -11.44 5.73
C GLU B 602 -26.26 -10.27 6.17
N THR B 603 -27.07 -9.76 5.26
CA THR B 603 -28.06 -8.73 5.55
C THR B 603 -28.92 -8.53 4.32
N LEU B 604 -29.87 -7.60 4.43
CA LEU B 604 -30.76 -7.31 3.31
C LEU B 604 -31.50 -6.01 3.63
N LEU B 605 -31.47 -5.08 2.68
CA LEU B 605 -32.26 -3.86 2.81
C LEU B 605 -33.23 -3.73 1.66
N ILE B 606 -34.35 -3.07 1.94
CA ILE B 606 -35.44 -2.98 0.97
C ILE B 606 -35.98 -1.56 0.95
N HIS B 607 -36.46 -1.14 -0.22
CA HIS B 607 -37.25 0.08 -0.33
C HIS B 607 -38.56 -0.09 0.43
N GLU B 608 -39.01 0.99 1.06
CA GLU B 608 -40.22 0.90 1.88
C GLU B 608 -41.45 0.56 1.05
N ASP B 609 -41.53 1.08 -0.17
CA ASP B 609 -42.79 0.99 -0.91
C ASP B 609 -43.10 -0.43 -1.31
N LEU B 610 -42.05 -1.22 -1.57
CA LEU B 610 -42.26 -2.60 -1.98
C LEU B 610 -42.84 -3.46 -0.86
N MET B 611 -42.98 -2.92 0.35
CA MET B 611 -43.65 -3.64 1.41
C MET B 611 -45.10 -3.96 1.07
N SER B 612 -45.74 -3.13 0.26
CA SER B 612 -47.12 -3.35 -0.11
C SER B 612 -47.28 -4.31 -1.28
N GLY B 613 -46.18 -4.79 -1.85
CA GLY B 613 -46.26 -5.70 -2.99
C GLY B 613 -46.06 -7.14 -2.59
N ALA B 614 -46.12 -7.40 -1.29
CA ALA B 614 -46.04 -8.75 -0.72
C ALA B 614 -44.74 -9.46 -1.08
N ILE B 615 -43.75 -8.75 -1.61
CA ILE B 615 -42.46 -9.38 -1.86
C ILE B 615 -41.88 -9.94 -0.57
N PHE B 616 -42.06 -9.21 0.54
CA PHE B 616 -41.45 -9.60 1.81
C PHE B 616 -41.74 -11.06 2.12
N GLY B 617 -43.02 -11.43 2.11
CA GLY B 617 -43.39 -12.81 2.38
C GLY B 617 -42.76 -13.77 1.38
N ASP B 618 -42.64 -13.34 0.13
CA ASP B 618 -42.04 -14.21 -0.87
C ASP B 618 -40.60 -14.53 -0.53
N VAL B 619 -39.83 -13.51 -0.14
CA VAL B 619 -38.43 -13.77 0.17
C VAL B 619 -38.33 -14.60 1.43
N CYS B 620 -39.21 -14.37 2.40
CA CYS B 620 -39.18 -15.21 3.59
C CYS B 620 -39.51 -16.65 3.25
N ASN B 621 -40.46 -16.85 2.33
CA ASN B 621 -40.75 -18.18 1.84
C ASN B 621 -39.50 -18.82 1.28
N MET B 622 -38.73 -18.05 0.51
CA MET B 622 -37.50 -18.57 -0.04
C MET B 622 -36.53 -18.95 1.06
N LEU B 623 -36.39 -18.09 2.06
CA LEU B 623 -35.45 -18.34 3.15
C LEU B 623 -35.83 -19.59 3.92
N LYS B 624 -37.14 -19.79 4.10
CA LYS B 624 -37.60 -21.03 4.74
C LYS B 624 -37.30 -22.23 3.86
N ARG B 625 -37.60 -22.13 2.56
CA ARG B 625 -37.27 -23.20 1.63
C ARG B 625 -35.79 -23.53 1.69
N GLU B 626 -34.95 -22.55 2.01
CA GLU B 626 -33.54 -22.79 2.24
C GLU B 626 -33.20 -22.79 3.72
N GLY B 627 -34.20 -22.69 4.60
CA GLY B 627 -33.99 -22.78 6.02
C GLY B 627 -33.05 -21.72 6.55
N VAL B 628 -33.48 -20.46 6.52
CA VAL B 628 -32.63 -19.35 6.94
C VAL B 628 -33.27 -18.68 8.14
N LYS B 629 -32.58 -18.69 9.26
CA LYS B 629 -33.06 -18.05 10.49
C LYS B 629 -32.92 -16.54 10.33
N ILE B 630 -34.02 -15.86 10.10
CA ILE B 630 -33.96 -14.43 9.83
C ILE B 630 -34.44 -13.66 11.04
N TYR B 631 -33.80 -12.53 11.29
CA TYR B 631 -34.23 -11.60 12.31
C TYR B 631 -34.95 -10.45 11.65
N ALA B 632 -35.24 -9.41 12.42
CA ALA B 632 -35.91 -8.24 11.89
C ALA B 632 -35.15 -6.98 12.27
N GLY B 633 -35.42 -5.91 11.54
CA GLY B 633 -34.77 -4.65 11.78
C GLY B 633 -35.71 -3.63 12.40
N PRO B 634 -35.15 -2.68 13.15
CA PRO B 634 -35.98 -1.81 13.99
C PRO B 634 -37.16 -1.18 13.28
N ARG B 635 -36.94 -0.59 12.11
CA ARG B 635 -38.08 -0.02 11.39
C ARG B 635 -39.04 -1.12 10.95
N LEU B 636 -38.50 -2.22 10.43
CA LEU B 636 -39.38 -3.36 10.15
C LEU B 636 -39.97 -3.90 11.42
N ASN B 637 -39.16 -4.01 12.47
CA ASN B 637 -39.65 -4.46 13.78
C ASN B 637 -40.94 -3.74 14.13
N GLN B 638 -40.92 -2.42 14.06
CA GLN B 638 -42.15 -1.66 14.20
C GLN B 638 -43.17 -2.04 13.14
N GLN B 639 -42.73 -2.28 11.90
CA GLN B 639 -43.64 -2.26 10.77
C GLN B 639 -44.78 -3.25 10.93
N LEU B 640 -44.47 -4.52 11.17
CA LEU B 640 -45.48 -5.55 11.13
C LEU B 640 -46.07 -5.78 12.52
N THR B 641 -47.17 -6.53 12.58
CA THR B 641 -47.83 -6.85 13.84
C THR B 641 -46.88 -7.61 14.74
N PHE B 642 -46.29 -8.67 14.23
CA PHE B 642 -45.24 -9.35 14.98
C PHE B 642 -43.96 -9.53 14.16
N GLY B 643 -44.07 -9.87 12.88
CA GLY B 643 -42.93 -10.14 12.05
C GLY B 643 -41.98 -11.18 12.62
N PRO B 644 -40.80 -11.28 12.03
CA PRO B 644 -39.76 -12.13 12.60
C PRO B 644 -39.25 -11.56 13.89
N PRO B 645 -38.48 -12.32 14.67
CA PRO B 645 -38.04 -11.85 15.98
C PRO B 645 -37.04 -10.71 15.87
N ALA B 646 -36.56 -10.29 17.03
CA ALA B 646 -35.75 -9.09 17.15
C ALA B 646 -34.27 -9.40 16.97
N ALA B 647 -33.59 -8.54 16.21
CA ALA B 647 -32.15 -8.72 16.00
C ALA B 647 -31.36 -8.12 17.15
N LYS B 648 -30.34 -8.85 17.59
CA LYS B 648 -29.50 -8.37 18.68
C LYS B 648 -28.78 -7.09 18.30
N SER B 649 -27.87 -7.17 17.33
CA SER B 649 -27.09 -6.02 16.90
C SER B 649 -26.94 -6.05 15.39
N LEU B 650 -26.97 -4.88 14.77
CA LEU B 650 -26.90 -4.81 13.33
C LEU B 650 -25.61 -5.36 12.77
N LYS B 651 -24.50 -5.23 13.49
CA LYS B 651 -23.18 -5.55 12.97
C LYS B 651 -22.74 -6.97 13.32
N HIS B 652 -23.69 -7.85 13.59
CA HIS B 652 -23.32 -9.21 13.92
C HIS B 652 -22.82 -9.94 12.68
N GLU B 653 -22.13 -11.04 12.92
CA GLU B 653 -21.64 -11.91 11.86
C GLU B 653 -22.12 -13.33 12.15
N TYR B 654 -22.82 -13.92 11.18
CA TYR B 654 -23.46 -15.22 11.39
C TYR B 654 -22.67 -16.37 10.77
N GLY B 655 -22.44 -16.31 9.47
CA GLY B 655 -21.78 -17.42 8.79
C GLY B 655 -22.69 -18.58 8.46
N ALA B 656 -23.73 -18.80 9.27
CA ALA B 656 -24.68 -19.86 9.02
C ALA B 656 -25.89 -19.30 8.25
N LEU B 657 -26.96 -20.08 8.19
CA LEU B 657 -28.14 -19.72 7.40
C LEU B 657 -28.97 -18.69 8.17
N GLU B 658 -28.41 -17.49 8.26
CA GLU B 658 -29.11 -16.37 8.88
C GLU B 658 -28.92 -15.14 8.02
N CYS B 659 -29.88 -14.22 8.07
CA CYS B 659 -29.74 -12.95 7.37
C CYS B 659 -30.69 -11.95 8.02
N CYS B 660 -30.11 -10.86 8.52
CA CYS B 660 -30.94 -9.78 8.99
C CYS B 660 -31.67 -9.14 7.82
N ILE B 661 -32.80 -8.51 8.11
CA ILE B 661 -33.60 -7.87 7.10
C ILE B 661 -34.12 -6.57 7.67
N GLU B 662 -34.12 -5.51 6.87
CA GLU B 662 -34.54 -4.21 7.34
C GLU B 662 -34.98 -3.38 6.14
N VAL B 663 -35.81 -2.37 6.39
CA VAL B 663 -36.39 -1.55 5.34
C VAL B 663 -36.22 -0.08 5.70
N VAL B 664 -36.00 0.76 4.69
CA VAL B 664 -35.75 2.17 4.91
C VAL B 664 -36.44 2.97 3.81
N PRO B 665 -36.85 4.19 4.08
CA PRO B 665 -37.55 4.98 3.05
C PRO B 665 -36.67 5.40 1.89
N SER B 666 -35.54 6.04 2.16
CA SER B 666 -34.78 6.70 1.11
C SER B 666 -33.43 6.03 0.92
N LEU B 667 -33.02 6.00 -0.34
CA LEU B 667 -31.72 5.45 -0.70
C LEU B 667 -30.62 6.13 0.10
N ASP B 668 -30.82 7.40 0.40
CA ASP B 668 -29.84 8.11 1.22
C ASP B 668 -29.74 7.48 2.60
N GLU B 669 -30.89 7.17 3.20
CA GLU B 669 -30.87 6.42 4.44
C GLU B 669 -30.10 5.11 4.25
N ALA B 670 -30.23 4.52 3.08
CA ALA B 670 -29.52 3.27 2.83
C ALA B 670 -28.02 3.48 2.84
N ILE B 671 -27.54 4.53 2.16
CA ILE B 671 -26.12 4.81 2.16
C ILE B 671 -25.63 5.06 3.57
N ASN B 672 -26.43 5.81 4.34
CA ASN B 672 -26.11 6.04 5.74
C ASN B 672 -25.90 4.72 6.46
N HIS B 673 -26.87 3.83 6.36
CA HIS B 673 -26.80 2.58 7.09
C HIS B 673 -25.62 1.75 6.62
N ILE B 674 -25.33 1.78 5.33
CA ILE B 674 -24.22 1.00 4.81
C ILE B 674 -22.91 1.50 5.38
N HIS B 675 -22.59 2.77 5.13
CA HIS B 675 -21.34 3.32 5.63
C HIS B 675 -21.28 3.25 7.15
N THR B 676 -22.43 3.13 7.80
CA THR B 676 -22.46 3.07 9.25
C THR B 676 -22.15 1.67 9.75
N TYR B 677 -22.71 0.67 9.09
CA TYR B 677 -22.62 -0.70 9.58
C TYR B 677 -21.80 -1.59 8.66
N GLY B 678 -21.85 -1.34 7.36
CA GLY B 678 -21.10 -2.17 6.44
C GLY B 678 -19.62 -2.14 6.73
N SER B 679 -18.98 -3.28 6.55
CA SER B 679 -17.53 -3.37 6.70
C SER B 679 -16.80 -2.90 5.47
N SER B 680 -17.50 -2.21 4.57
CA SER B 680 -16.96 -1.83 3.26
C SER B 680 -16.31 -3.01 2.57
N HIS B 681 -16.73 -4.22 2.93
CA HIS B 681 -16.19 -5.44 2.35
C HIS B 681 -16.67 -5.62 0.93
N THR B 682 -17.99 -5.69 0.74
CA THR B 682 -18.55 -5.91 -0.60
C THR B 682 -20.03 -5.59 -0.52
N ASP B 683 -20.51 -4.72 -1.41
CA ASP B 683 -21.90 -4.29 -1.39
C ASP B 683 -22.48 -4.35 -2.79
N VAL B 684 -23.80 -4.23 -2.88
CA VAL B 684 -24.48 -4.38 -4.15
C VAL B 684 -25.71 -3.48 -4.18
N ILE B 685 -26.42 -3.46 -5.30
CA ILE B 685 -27.71 -2.80 -5.42
C ILE B 685 -28.46 -3.48 -6.55
N VAL B 686 -29.79 -3.49 -6.44
CA VAL B 686 -30.64 -3.99 -7.51
C VAL B 686 -31.74 -2.97 -7.77
N THR B 687 -31.98 -2.70 -9.05
CA THR B 687 -33.06 -1.84 -9.54
C THR B 687 -33.01 -1.90 -11.05
N GLU B 688 -33.94 -1.19 -11.70
CA GLU B 688 -33.94 -1.11 -13.15
C GLU B 688 -33.94 0.34 -13.64
N ASN B 689 -33.70 1.30 -12.76
CA ASN B 689 -33.38 2.66 -13.17
C ASN B 689 -31.91 2.91 -12.91
N ASP B 690 -31.26 3.60 -13.85
CA ASP B 690 -29.82 3.75 -13.76
C ASP B 690 -29.45 4.97 -12.93
N ALA B 691 -30.36 5.94 -12.79
CA ALA B 691 -30.11 7.08 -11.93
C ALA B 691 -29.77 6.61 -10.53
N ALA B 692 -30.61 5.73 -9.98
CA ALA B 692 -30.29 5.10 -8.72
C ALA B 692 -28.94 4.41 -8.79
N ALA B 693 -28.64 3.78 -9.93
CA ALA B 693 -27.40 3.03 -10.06
C ALA B 693 -26.20 3.97 -9.97
N ARG B 694 -26.15 4.99 -10.82
CA ARG B 694 -25.04 5.92 -10.77
C ARG B 694 -24.92 6.54 -9.40
N GLN B 695 -26.04 6.95 -8.81
CA GLN B 695 -26.00 7.60 -7.51
C GLN B 695 -25.39 6.68 -6.47
N PHE B 696 -25.96 5.49 -6.34
CA PHE B 696 -25.45 4.51 -5.40
C PHE B 696 -23.95 4.28 -5.61
N LEU B 697 -23.58 3.86 -6.81
CA LEU B 697 -22.22 3.44 -7.06
C LEU B 697 -21.21 4.57 -6.98
N GLY B 698 -21.66 5.82 -7.05
CA GLY B 698 -20.73 6.90 -6.80
C GLY B 698 -20.67 7.19 -5.32
N SER B 699 -21.76 6.87 -4.62
CA SER B 699 -21.85 7.16 -3.20
C SER B 699 -21.22 6.09 -2.33
N VAL B 700 -21.58 4.82 -2.55
CA VAL B 700 -21.04 3.78 -1.71
C VAL B 700 -19.55 3.63 -1.97
N ASP B 701 -18.80 3.31 -0.92
CA ASP B 701 -17.35 3.26 -0.99
C ASP B 701 -16.77 1.91 -0.58
N SER B 702 -17.42 0.81 -0.94
CA SER B 702 -16.92 -0.50 -0.55
C SER B 702 -15.67 -0.85 -1.33
N ALA B 703 -15.01 -1.92 -0.91
CA ALA B 703 -13.88 -2.44 -1.66
C ALA B 703 -14.27 -2.94 -3.03
N CYS B 704 -15.53 -3.31 -3.21
CA CYS B 704 -16.01 -3.79 -4.49
C CYS B 704 -17.52 -3.83 -4.48
N VAL B 705 -18.16 -3.24 -5.49
CA VAL B 705 -19.60 -3.07 -5.50
C VAL B 705 -20.14 -3.72 -6.75
N PHE B 706 -21.44 -3.89 -6.80
CA PHE B 706 -22.07 -4.67 -7.86
C PHE B 706 -23.44 -4.12 -8.21
N HIS B 707 -24.01 -4.69 -9.26
CA HIS B 707 -25.33 -4.26 -9.73
C HIS B 707 -25.94 -5.46 -10.44
N ASN B 708 -27.03 -5.99 -9.89
CA ASN B 708 -27.72 -7.19 -10.37
C ASN B 708 -26.86 -8.44 -10.28
N ALA B 709 -25.71 -8.38 -9.60
CA ALA B 709 -24.87 -9.54 -9.42
C ALA B 709 -25.04 -10.08 -8.01
N SER B 710 -24.22 -11.06 -7.64
CA SER B 710 -24.31 -11.69 -6.34
C SER B 710 -23.14 -11.25 -5.48
N SER B 711 -23.32 -11.36 -4.16
CA SER B 711 -22.20 -11.15 -3.26
C SER B 711 -21.15 -12.23 -3.40
N ARG B 712 -21.43 -13.31 -4.13
CA ARG B 712 -20.56 -14.47 -4.17
C ARG B 712 -19.58 -14.40 -5.33
N PHE B 713 -19.11 -13.21 -5.67
CA PHE B 713 -18.18 -13.07 -6.77
C PHE B 713 -16.75 -12.77 -6.33
N ALA B 714 -16.54 -12.43 -5.06
CA ALA B 714 -15.20 -12.11 -4.61
C ALA B 714 -14.34 -13.36 -4.46
N ASP B 715 -13.71 -13.80 -5.55
CA ASP B 715 -12.89 -14.99 -5.51
C ASP B 715 -11.57 -14.86 -6.26
N GLY B 716 -11.29 -13.71 -6.85
CA GLY B 716 -10.02 -13.54 -7.54
C GLY B 716 -9.95 -14.33 -8.82
N PHE B 717 -10.14 -15.64 -8.74
CA PHE B 717 -10.26 -16.45 -9.94
C PHE B 717 -11.46 -15.99 -10.77
N ARG B 718 -12.63 -15.90 -10.15
CA ARG B 718 -13.79 -15.37 -10.84
C ARG B 718 -13.51 -13.98 -11.39
N PHE B 719 -12.65 -13.22 -10.71
CA PHE B 719 -12.22 -11.93 -11.22
C PHE B 719 -11.27 -12.04 -12.39
N GLY B 720 -11.02 -13.24 -12.90
CA GLY B 720 -10.00 -13.39 -13.93
C GLY B 720 -8.67 -12.85 -13.47
N LEU B 721 -8.41 -12.91 -12.17
CA LEU B 721 -7.19 -12.39 -11.56
C LEU B 721 -6.30 -13.52 -11.09
N GLY B 722 -6.47 -14.69 -11.69
CA GLY B 722 -5.68 -15.84 -11.28
C GLY B 722 -6.01 -16.24 -9.85
N ALA B 723 -5.07 -16.96 -9.24
CA ALA B 723 -5.25 -17.54 -7.91
C ALA B 723 -4.97 -16.45 -6.89
N GLU B 724 -6.02 -15.94 -6.27
CA GLU B 724 -5.86 -14.89 -5.27
C GLU B 724 -5.15 -15.45 -4.04
N VAL B 725 -4.81 -14.55 -3.12
CA VAL B 725 -4.11 -14.93 -1.90
C VAL B 725 -4.85 -14.47 -0.66
N GLY B 726 -5.65 -13.42 -0.75
CA GLY B 726 -6.44 -12.96 0.37
C GLY B 726 -7.47 -11.97 -0.12
N ILE B 727 -8.13 -11.35 0.84
CA ILE B 727 -9.10 -10.30 0.56
C ILE B 727 -8.73 -9.12 1.45
N SER B 728 -8.06 -8.14 0.86
CA SER B 728 -7.67 -6.95 1.61
C SER B 728 -8.89 -6.09 1.86
N THR B 729 -9.18 -5.83 3.12
CA THR B 729 -10.14 -4.81 3.48
C THR B 729 -9.48 -3.49 3.82
N ALA B 730 -8.16 -3.49 4.04
CA ALA B 730 -7.45 -2.27 4.32
C ALA B 730 -7.55 -1.33 3.13
N ARG B 731 -7.32 -0.04 3.40
CA ARG B 731 -7.47 0.99 2.39
C ARG B 731 -6.16 1.36 1.72
N ILE B 732 -5.21 0.42 1.65
CA ILE B 732 -3.85 0.73 1.25
C ILE B 732 -3.30 -0.39 0.38
N HIS B 733 -2.82 -0.01 -0.81
CA HIS B 733 -1.97 -0.84 -1.66
C HIS B 733 -2.75 -1.95 -2.34
N ALA B 734 -4.00 -2.14 -1.95
CA ALA B 734 -4.75 -3.29 -2.42
C ALA B 734 -6.20 -3.18 -1.99
N ARG B 735 -7.13 -3.60 -2.83
CA ARG B 735 -8.53 -3.43 -2.51
C ARG B 735 -9.26 -4.72 -2.82
N GLY B 736 -9.68 -5.42 -1.78
CA GLY B 736 -10.49 -6.60 -1.93
C GLY B 736 -9.68 -7.80 -2.37
N PRO B 737 -10.02 -8.35 -3.54
CA PRO B 737 -9.27 -9.52 -4.04
C PRO B 737 -7.89 -9.11 -4.49
N VAL B 738 -6.89 -9.80 -3.97
CA VAL B 738 -5.50 -9.54 -4.30
C VAL B 738 -4.97 -10.70 -5.13
N GLY B 739 -4.64 -10.41 -6.38
CA GLY B 739 -4.02 -11.41 -7.24
C GLY B 739 -2.55 -11.51 -6.90
N VAL B 740 -1.69 -11.52 -7.92
CA VAL B 740 -0.26 -11.42 -7.66
C VAL B 740 0.18 -9.96 -7.55
N GLU B 741 -0.62 -9.03 -8.07
CA GLU B 741 -0.22 -7.64 -8.17
C GLU B 741 0.12 -7.02 -6.83
N GLY B 742 -0.63 -7.33 -5.80
CA GLY B 742 -0.37 -6.75 -4.51
C GLY B 742 0.84 -7.36 -3.85
N LEU B 743 1.65 -8.07 -4.62
CA LEU B 743 2.83 -8.74 -4.07
C LEU B 743 4.12 -8.30 -4.73
N LEU B 744 4.07 -7.25 -5.54
CA LEU B 744 5.27 -6.70 -6.16
C LEU B 744 5.16 -5.19 -6.10
N THR B 745 6.07 -4.56 -5.39
CA THR B 745 6.03 -3.11 -5.25
C THR B 745 6.94 -2.48 -6.29
N THR B 746 7.16 -1.18 -6.14
CA THR B 746 7.81 -0.36 -7.16
C THR B 746 9.24 -0.06 -6.75
N LYS B 747 10.01 0.44 -7.72
CA LYS B 747 11.40 0.82 -7.46
C LYS B 747 11.82 1.77 -8.56
N TRP B 748 12.31 2.96 -8.18
CA TRP B 748 12.88 3.89 -9.14
C TRP B 748 14.35 3.57 -9.38
N ILE B 749 14.77 3.61 -10.64
CA ILE B 749 16.18 3.61 -10.96
C ILE B 749 16.42 4.79 -11.89
N LEU B 750 17.70 5.09 -12.10
CA LEU B 750 18.08 6.24 -12.94
C LEU B 750 19.54 6.12 -13.29
N GLU B 751 19.85 6.19 -14.58
CA GLU B 751 21.21 5.99 -15.06
C GLU B 751 21.66 7.27 -15.75
N GLY B 752 22.16 8.23 -14.97
CA GLY B 752 22.71 9.44 -15.54
C GLY B 752 24.07 9.18 -16.17
N GLN B 753 24.49 10.10 -17.03
CA GLN B 753 25.78 9.99 -17.69
C GLN B 753 26.86 10.74 -16.91
N ASP B 754 26.69 12.05 -16.71
CA ASP B 754 27.62 12.85 -15.93
C ASP B 754 26.89 13.89 -15.10
N HIS B 755 25.58 13.75 -14.93
CA HIS B 755 24.76 14.82 -14.40
C HIS B 755 25.01 15.02 -12.90
N ALA B 756 24.43 16.08 -12.38
CA ALA B 756 24.48 16.39 -10.96
C ALA B 756 23.22 17.17 -10.61
N ALA B 757 23.13 17.61 -9.35
CA ALA B 757 21.91 18.27 -8.89
C ALA B 757 21.93 19.78 -9.18
N ALA B 758 23.01 20.46 -8.78
CA ALA B 758 23.10 21.89 -8.99
C ALA B 758 23.22 22.26 -10.46
N ASP B 759 23.57 21.32 -11.33
CA ASP B 759 23.66 21.60 -12.76
C ASP B 759 22.34 22.11 -13.31
N PHE B 760 21.21 21.68 -12.77
CA PHE B 760 19.91 22.17 -13.22
C PHE B 760 19.57 23.53 -12.66
N ALA B 761 20.41 24.08 -11.79
CA ALA B 761 20.24 25.46 -11.37
C ALA B 761 20.67 26.37 -12.51
N GLU B 762 20.53 27.68 -12.32
CA GLU B 762 20.80 28.61 -13.40
C GLU B 762 22.27 28.65 -13.80
N GLY B 763 23.16 28.19 -12.92
CA GLY B 763 24.57 28.15 -13.28
C GLY B 763 24.86 27.16 -14.41
N GLY B 764 24.21 26.00 -14.37
CA GLY B 764 24.38 24.99 -15.39
C GLY B 764 23.25 25.02 -16.39
N GLY B 765 23.58 24.80 -17.66
CA GLY B 765 22.58 24.84 -18.70
C GLY B 765 21.78 23.56 -18.80
N ARG B 766 20.85 23.37 -17.87
CA ARG B 766 20.03 22.18 -17.85
C ARG B 766 18.56 22.55 -17.75
N THR B 767 17.75 21.93 -18.59
CA THR B 767 16.32 22.13 -18.61
C THR B 767 15.62 20.78 -18.39
N TRP B 768 14.30 20.81 -18.33
CA TRP B 768 13.50 19.66 -17.94
C TRP B 768 12.57 19.29 -19.08
N LEU B 769 12.53 18.01 -19.43
CA LEU B 769 11.78 17.55 -20.58
C LEU B 769 10.48 16.84 -20.20
N HIS B 770 10.54 15.87 -19.31
CA HIS B 770 9.36 15.14 -18.86
C HIS B 770 8.64 14.45 -20.01
N GLU B 771 9.38 14.12 -21.07
CA GLU B 771 8.79 13.41 -22.19
C GLU B 771 8.65 11.95 -21.82
N THR B 772 7.48 11.58 -21.30
CA THR B 772 7.26 10.20 -20.91
C THR B 772 7.20 9.35 -22.17
N LEU B 773 8.31 8.69 -22.48
CA LEU B 773 8.36 7.81 -23.62
C LEU B 773 7.36 6.68 -23.42
N PRO B 774 6.90 6.06 -24.50
CA PRO B 774 6.00 4.92 -24.35
C PRO B 774 6.68 3.79 -23.61
N LEU B 775 6.20 3.51 -22.40
CA LEU B 775 6.75 2.42 -21.62
C LEU B 775 6.68 1.13 -22.41
N ASP B 776 7.79 0.41 -22.45
CA ASP B 776 7.95 -0.76 -23.31
C ASP B 776 6.86 -1.80 -23.07
#